data_2JAS
#
_entry.id   2JAS
#
_cell.length_a   190.845
_cell.length_b   100.850
_cell.length_c   109.486
_cell.angle_alpha   90.00
_cell.angle_beta   124.58
_cell.angle_gamma   90.00
#
_symmetry.space_group_name_H-M   'C 1 2 1'
#
loop_
_entity.id
_entity.type
_entity.pdbx_description
1 polymer 'DEOXYGUANOSINE KINASE'
2 non-polymer "2'-DEOXYADENOSINE 5'-TRIPHOSPHATE"
3 non-polymer 'MAGNESIUM ION'
4 water water
#
_entity_poly.entity_id   1
_entity_poly.type   'polypeptide(L)'
_entity_poly.pdbx_seq_one_letter_code
;HMKIAIFGTVGAGKSTISAEISKKLGYEIFKEPVEENPYFEQYYKDLKKTVFKMQIYMLTARSKQLKQAKNLENIIFDRT
LLEDPIFMKVNYDLNNVDQTDYNTYIDFYNNVVLENLKIPENKLSFDIVIYLRVSTKTAISRIKKRGRSEELLIGEEYWE
TLNKNYEEFYKQNVYDFPFFVVDAELDVKTQIELIMNKLNSIKNPN
;
_entity_poly.pdbx_strand_id   A,B,C,D,E,F
#
loop_
_chem_comp.id
_chem_comp.type
_chem_comp.name
_chem_comp.formula
DTP non-polymer '2'-DEOXYADENOSINE 5'-TRIPHOSPHATE' 'C10 H16 N5 O12 P3'
MG non-polymer 'MAGNESIUM ION' 'Mg 2'
#
# COMPACT_ATOMS: atom_id res chain seq x y z
N MET A 2 -34.99 -41.95 -12.03
CA MET A 2 -34.94 -42.62 -10.69
C MET A 2 -33.89 -42.01 -9.75
N LYS A 3 -34.33 -41.13 -8.86
CA LYS A 3 -33.45 -40.45 -7.92
C LYS A 3 -33.63 -41.02 -6.52
N ILE A 4 -32.60 -41.68 -6.00
CA ILE A 4 -32.65 -42.45 -4.75
C ILE A 4 -31.78 -41.80 -3.67
N ALA A 5 -32.30 -41.69 -2.45
CA ALA A 5 -31.51 -41.20 -1.31
C ALA A 5 -31.55 -42.18 -0.17
N ILE A 6 -30.41 -42.41 0.48
CA ILE A 6 -30.34 -43.38 1.56
C ILE A 6 -30.08 -42.72 2.91
N PHE A 7 -30.97 -43.00 3.85
CA PHE A 7 -31.18 -42.14 5.02
C PHE A 7 -31.04 -42.95 6.30
N GLY A 8 -30.26 -42.43 7.24
CA GLY A 8 -30.03 -43.12 8.50
C GLY A 8 -28.88 -42.55 9.30
N THR A 9 -28.75 -43.04 10.53
CA THR A 9 -27.72 -42.61 11.46
C THR A 9 -26.38 -43.23 11.10
N VAL A 10 -25.32 -42.74 11.75
CA VAL A 10 -23.97 -43.24 11.50
C VAL A 10 -23.90 -44.70 11.88
N GLY A 11 -23.51 -45.54 10.92
CA GLY A 11 -23.41 -46.97 11.14
C GLY A 11 -24.71 -47.72 10.88
N ALA A 12 -25.62 -47.09 10.12
CA ALA A 12 -26.85 -47.74 9.69
C ALA A 12 -26.55 -48.69 8.55
N GLY A 13 -25.42 -48.49 7.90
CA GLY A 13 -25.02 -49.29 6.75
C GLY A 13 -25.44 -48.68 5.44
N LYS A 14 -25.45 -47.34 5.37
CA LYS A 14 -25.79 -46.63 4.13
C LYS A 14 -24.81 -46.92 2.99
N SER A 15 -23.51 -46.91 3.29
CA SER A 15 -22.49 -47.16 2.26
C SER A 15 -22.63 -48.56 1.65
N THR A 16 -22.74 -49.57 2.51
CA THR A 16 -22.97 -50.94 2.06
C THR A 16 -24.18 -51.02 1.13
N ILE A 17 -25.32 -50.51 1.60
CA ILE A 17 -26.58 -50.54 0.84
C ILE A 17 -26.46 -49.79 -0.48
N SER A 18 -25.95 -48.55 -0.45
CA SER A 18 -25.76 -47.78 -1.69
C SER A 18 -24.88 -48.50 -2.71
N ALA A 19 -23.81 -49.12 -2.23
CA ALA A 19 -22.91 -49.90 -3.08
C ALA A 19 -23.63 -51.09 -3.75
N GLU A 20 -24.45 -51.81 -2.99
CA GLU A 20 -25.22 -52.92 -3.54
C GLU A 20 -26.19 -52.46 -4.63
N ILE A 21 -26.96 -51.40 -4.34
CA ILE A 21 -27.93 -50.86 -5.29
C ILE A 21 -27.25 -50.46 -6.61
N SER A 22 -26.17 -49.68 -6.48
CA SER A 22 -25.36 -49.27 -7.62
C SER A 22 -24.91 -50.48 -8.43
N LYS A 23 -24.53 -51.55 -7.73
CA LYS A 23 -24.01 -52.75 -8.37
C LYS A 23 -25.05 -53.33 -9.33
N LYS A 24 -26.30 -53.34 -8.87
CA LYS A 24 -27.42 -53.86 -9.66
C LYS A 24 -27.86 -52.86 -10.74
N LEU A 25 -27.86 -51.57 -10.42
CA LEU A 25 -28.50 -50.57 -11.28
C LEU A 25 -27.58 -49.72 -12.16
N GLY A 26 -26.33 -49.52 -11.70
CA GLY A 26 -25.38 -48.70 -12.44
C GLY A 26 -25.32 -47.24 -12.02
N TYR A 27 -26.20 -46.82 -11.11
CA TYR A 27 -26.28 -45.41 -10.72
C TYR A 27 -25.07 -44.96 -9.91
N GLU A 28 -24.68 -43.72 -10.12
CA GLU A 28 -23.57 -43.13 -9.38
C GLU A 28 -23.96 -42.85 -7.93
N ILE A 29 -23.06 -43.23 -7.01
CA ILE A 29 -23.18 -42.89 -5.60
C ILE A 29 -22.47 -41.57 -5.32
N PHE A 30 -23.15 -40.70 -4.57
CA PHE A 30 -22.56 -39.44 -4.09
C PHE A 30 -22.36 -39.51 -2.60
N LYS A 31 -21.12 -39.72 -2.20
CA LYS A 31 -20.73 -39.77 -0.80
C LYS A 31 -20.56 -38.34 -0.30
N GLU A 32 -20.45 -38.15 1.01
CA GLU A 32 -20.08 -36.85 1.52
C GLU A 32 -18.57 -36.84 1.63
N PRO A 33 -17.96 -35.65 1.75
CA PRO A 33 -16.54 -35.68 2.03
C PRO A 33 -16.33 -36.06 3.49
N VAL A 34 -15.57 -37.12 3.69
CA VAL A 34 -15.21 -37.60 5.01
C VAL A 34 -13.70 -37.63 5.04
N GLU A 35 -13.10 -38.05 3.93
CA GLU A 35 -11.65 -38.21 3.84
C GLU A 35 -10.95 -36.89 3.53
N GLU A 36 -11.55 -36.11 2.63
CA GLU A 36 -11.00 -34.80 2.27
C GLU A 36 -11.46 -33.72 3.24
N ASN A 37 -12.13 -34.13 4.31
CA ASN A 37 -12.61 -33.20 5.32
C ASN A 37 -11.54 -32.90 6.36
N PRO A 38 -11.02 -31.66 6.38
CA PRO A 38 -9.91 -31.30 7.26
C PRO A 38 -10.30 -31.15 8.73
N TYR A 39 -11.61 -31.19 9.02
CA TYR A 39 -12.10 -31.07 10.39
C TYR A 39 -12.54 -32.41 11.01
N PHE A 40 -12.47 -33.47 10.21
CA PHE A 40 -13.03 -34.76 10.63
C PHE A 40 -12.52 -35.31 11.97
N GLU A 41 -11.22 -35.59 12.08
CA GLU A 41 -10.63 -35.99 13.36
C GLU A 41 -10.83 -34.93 14.46
N GLN A 42 -10.60 -33.67 14.11
CA GLN A 42 -10.79 -32.54 15.05
C GLN A 42 -12.18 -32.55 15.67
N TYR A 43 -13.19 -32.77 14.83
CA TYR A 43 -14.59 -32.71 15.25
C TYR A 43 -14.91 -33.70 16.39
N TYR A 44 -14.51 -34.96 16.22
CA TYR A 44 -14.72 -35.96 17.27
C TYR A 44 -13.82 -35.78 18.48
N LYS A 45 -12.63 -35.21 18.29
CA LYS A 45 -11.70 -34.94 19.40
C LYS A 45 -12.17 -33.81 20.33
N ASP A 46 -12.83 -32.81 19.75
CA ASP A 46 -13.30 -31.64 20.49
C ASP A 46 -14.48 -31.02 19.76
N LEU A 47 -15.69 -31.52 20.05
CA LEU A 47 -16.93 -31.03 19.43
C LEU A 47 -17.12 -29.52 19.59
N LYS A 48 -17.21 -29.07 20.84
CA LYS A 48 -17.45 -27.66 21.18
C LYS A 48 -16.68 -26.68 20.29
N LYS A 49 -15.38 -26.94 20.11
CA LYS A 49 -14.52 -26.04 19.35
C LYS A 49 -14.65 -26.14 17.84
N THR A 50 -15.29 -27.20 17.36
CA THR A 50 -15.26 -27.54 15.95
C THR A 50 -16.64 -27.62 15.26
N VAL A 51 -17.73 -27.67 16.04
CA VAL A 51 -19.08 -27.85 15.47
C VAL A 51 -19.41 -26.84 14.37
N PHE A 52 -19.11 -25.57 14.62
CA PHE A 52 -19.40 -24.52 13.65
C PHE A 52 -18.54 -24.61 12.41
N LYS A 53 -17.23 -24.80 12.61
CA LYS A 53 -16.30 -25.06 11.52
C LYS A 53 -16.76 -26.28 10.71
N MET A 54 -17.14 -27.33 11.43
CA MET A 54 -17.59 -28.58 10.82
C MET A 54 -18.81 -28.33 9.98
N GLN A 55 -19.78 -27.63 10.55
CA GLN A 55 -21.06 -27.36 9.89
C GLN A 55 -20.88 -26.55 8.60
N ILE A 56 -20.10 -25.48 8.69
CA ILE A 56 -19.82 -24.62 7.54
C ILE A 56 -19.21 -25.41 6.39
N TYR A 57 -18.26 -26.28 6.69
CA TYR A 57 -17.66 -27.16 5.69
C TYR A 57 -18.71 -28.07 5.05
N MET A 58 -19.56 -28.66 5.88
CA MET A 58 -20.52 -29.64 5.41
C MET A 58 -21.57 -29.04 4.47
N LEU A 59 -22.15 -27.90 4.84
CA LEU A 59 -23.15 -27.23 3.99
C LEU A 59 -22.53 -26.80 2.67
N THR A 60 -21.26 -26.41 2.74
CA THR A 60 -20.51 -26.04 1.55
C THR A 60 -20.38 -27.26 0.64
N ALA A 61 -20.00 -28.39 1.21
CA ALA A 61 -19.91 -29.65 0.48
C ALA A 61 -21.26 -30.04 -0.17
N ARG A 62 -22.33 -30.02 0.62
CA ARG A 62 -23.69 -30.36 0.14
C ARG A 62 -24.03 -29.55 -1.11
N SER A 63 -23.80 -28.24 -1.02
CA SER A 63 -24.11 -27.32 -2.09
C SER A 63 -23.33 -27.65 -3.38
N LYS A 64 -22.13 -28.21 -3.23
CA LYS A 64 -21.33 -28.65 -4.38
C LYS A 64 -21.93 -29.92 -4.98
N GLN A 65 -22.30 -30.87 -4.13
CA GLN A 65 -22.96 -32.10 -4.57
C GLN A 65 -24.24 -31.79 -5.34
N LEU A 66 -25.03 -30.84 -4.82
CA LEU A 66 -26.23 -30.40 -5.51
C LEU A 66 -25.84 -29.92 -6.89
N LYS A 67 -24.88 -28.99 -6.92
CA LYS A 67 -24.41 -28.37 -8.15
C LYS A 67 -23.53 -29.29 -9.01
N GLN A 68 -23.74 -30.60 -8.91
CA GLN A 68 -23.10 -31.55 -9.81
C GLN A 68 -24.00 -32.75 -10.09
N ALA A 69 -25.04 -32.90 -9.28
CA ALA A 69 -26.01 -33.99 -9.45
C ALA A 69 -27.36 -33.48 -9.96
N LYS A 70 -27.49 -32.16 -10.08
CA LYS A 70 -28.73 -31.49 -10.50
C LYS A 70 -29.37 -32.08 -11.75
N ASN A 71 -28.59 -32.22 -12.82
CA ASN A 71 -29.10 -32.59 -14.14
C ASN A 71 -29.15 -34.10 -14.41
N LEU A 72 -28.62 -34.90 -13.49
CA LEU A 72 -28.55 -36.35 -13.68
C LEU A 72 -29.89 -37.03 -13.47
N GLU A 73 -30.29 -37.86 -14.44
CA GLU A 73 -31.55 -38.58 -14.39
C GLU A 73 -31.55 -39.55 -13.20
N ASN A 74 -30.51 -40.37 -13.11
CA ASN A 74 -30.40 -41.36 -12.04
C ASN A 74 -29.29 -41.04 -11.03
N ILE A 75 -29.65 -40.89 -9.77
CA ILE A 75 -28.67 -40.64 -8.71
C ILE A 75 -28.92 -41.52 -7.49
N ILE A 76 -27.85 -41.86 -6.77
CA ILE A 76 -27.98 -42.42 -5.42
C ILE A 76 -27.25 -41.50 -4.45
N PHE A 77 -28.01 -40.91 -3.54
CA PHE A 77 -27.42 -40.07 -2.51
C PHE A 77 -27.30 -40.79 -1.18
N ASP A 78 -26.05 -41.03 -0.78
CA ASP A 78 -25.71 -41.31 0.61
C ASP A 78 -25.96 -40.09 1.48
N ARG A 79 -27.16 -40.02 2.04
CA ARG A 79 -27.61 -38.83 2.79
C ARG A 79 -28.09 -37.68 1.88
N THR A 80 -29.11 -36.96 2.33
CA THR A 80 -29.65 -35.81 1.61
C THR A 80 -29.04 -34.53 2.14
N LEU A 81 -29.35 -33.43 1.47
CA LEU A 81 -28.72 -32.15 1.75
C LEU A 81 -29.39 -31.41 2.93
N LEU A 82 -30.45 -32.01 3.46
CA LEU A 82 -31.29 -31.37 4.47
C LEU A 82 -31.18 -32.01 5.84
N GLU A 83 -30.09 -32.74 6.09
CA GLU A 83 -29.95 -33.49 7.34
C GLU A 83 -28.87 -32.96 8.25
N ASP A 84 -28.19 -31.90 7.81
CA ASP A 84 -27.18 -31.29 8.66
C ASP A 84 -27.76 -30.71 9.98
N PRO A 85 -28.97 -30.10 9.95
CA PRO A 85 -29.55 -29.64 11.22
C PRO A 85 -29.75 -30.72 12.30
N ILE A 86 -29.85 -31.99 11.89
CA ILE A 86 -29.96 -33.12 12.84
C ILE A 86 -28.73 -33.18 13.75
N PHE A 87 -27.56 -33.06 13.13
CA PHE A 87 -26.29 -33.11 13.85
C PHE A 87 -26.16 -31.95 14.81
N MET A 88 -26.61 -30.77 14.39
CA MET A 88 -26.54 -29.59 15.24
C MET A 88 -27.47 -29.76 16.44
N LYS A 89 -28.66 -30.30 16.20
CA LYS A 89 -29.65 -30.51 17.25
C LYS A 89 -29.12 -31.45 18.33
N VAL A 90 -28.41 -32.48 17.89
CA VAL A 90 -27.74 -33.46 18.75
C VAL A 90 -26.83 -32.74 19.73
N ASN A 91 -25.88 -31.98 19.18
CA ASN A 91 -24.94 -31.21 19.98
C ASN A 91 -25.61 -30.21 20.93
N TYR A 92 -26.83 -29.83 20.60
CA TYR A 92 -27.63 -28.93 21.42
C TYR A 92 -28.21 -29.69 22.63
N ASP A 93 -28.76 -30.87 22.38
CA ASP A 93 -29.25 -31.74 23.47
C ASP A 93 -28.12 -32.14 24.43
N LEU A 94 -26.93 -32.39 23.87
CA LEU A 94 -25.74 -32.80 24.61
C LEU A 94 -24.93 -31.64 25.19
N ASN A 95 -25.51 -30.43 25.19
CA ASN A 95 -24.89 -29.23 25.75
C ASN A 95 -23.50 -28.86 25.20
N ASN A 96 -23.23 -29.29 23.96
CA ASN A 96 -22.04 -28.84 23.24
C ASN A 96 -22.25 -27.46 22.65
N VAL A 97 -23.52 -27.13 22.41
CA VAL A 97 -23.93 -25.85 21.89
C VAL A 97 -25.11 -25.33 22.72
N ASP A 98 -25.03 -24.07 23.15
CA ASP A 98 -26.09 -23.43 23.95
C ASP A 98 -27.29 -23.01 23.10
N GLN A 99 -28.29 -22.38 23.72
CA GLN A 99 -29.54 -22.07 23.02
C GLN A 99 -29.35 -21.06 21.88
N THR A 100 -28.58 -20.01 22.15
CA THR A 100 -28.30 -18.98 21.16
C THR A 100 -27.64 -19.57 19.90
N ASP A 101 -26.49 -20.23 20.08
CA ASP A 101 -25.76 -20.79 18.95
C ASP A 101 -26.68 -21.65 18.09
N TYR A 102 -27.51 -22.45 18.75
CA TYR A 102 -28.48 -23.28 18.07
C TYR A 102 -29.44 -22.43 17.24
N ASN A 103 -29.94 -21.36 17.85
CA ASN A 103 -30.88 -20.49 17.16
C ASN A 103 -30.22 -19.76 15.99
N THR A 104 -28.97 -19.36 16.18
CA THR A 104 -28.20 -18.72 15.14
C THR A 104 -28.05 -19.68 13.96
N TYR A 105 -27.62 -20.92 14.23
CA TYR A 105 -27.49 -21.92 13.17
C TYR A 105 -28.76 -22.09 12.33
N ILE A 106 -29.89 -22.36 12.99
CA ILE A 106 -31.14 -22.59 12.26
C ILE A 106 -31.69 -21.33 11.60
N ASP A 107 -31.55 -20.19 12.28
CA ASP A 107 -31.96 -18.92 11.69
C ASP A 107 -31.25 -18.70 10.37
N PHE A 108 -29.98 -19.09 10.33
CA PHE A 108 -29.17 -19.02 9.12
C PHE A 108 -29.61 -20.05 8.08
N TYR A 109 -29.84 -21.27 8.53
CA TYR A 109 -30.28 -22.35 7.67
C TYR A 109 -31.57 -22.01 6.92
N ASN A 110 -32.58 -21.56 7.67
CA ASN A 110 -33.86 -21.19 7.07
C ASN A 110 -33.74 -20.09 6.02
N ASN A 111 -33.14 -18.97 6.41
CA ASN A 111 -33.03 -17.78 5.57
C ASN A 111 -32.09 -17.90 4.36
N VAL A 112 -31.03 -18.70 4.52
CA VAL A 112 -30.03 -18.86 3.45
C VAL A 112 -30.17 -20.22 2.72
N VAL A 113 -29.98 -21.32 3.45
CA VAL A 113 -29.97 -22.65 2.79
C VAL A 113 -31.32 -23.03 2.18
N LEU A 114 -32.38 -22.99 2.99
CA LEU A 114 -33.70 -23.43 2.57
C LEU A 114 -34.30 -22.61 1.41
N GLU A 115 -33.92 -21.34 1.32
CA GLU A 115 -34.26 -20.53 0.15
C GLU A 115 -33.35 -20.95 -1.01
N ASN A 116 -33.98 -21.32 -2.13
CA ASN A 116 -33.25 -21.83 -3.31
C ASN A 116 -34.03 -21.73 -4.65
N LYS A 123 -32.71 -27.40 -7.21
CA LYS A 123 -33.55 -28.15 -6.27
C LYS A 123 -33.74 -29.62 -6.68
N LEU A 124 -33.42 -30.53 -5.76
CA LEU A 124 -33.54 -31.97 -6.02
C LEU A 124 -34.82 -32.56 -5.45
N SER A 125 -35.44 -33.45 -6.22
CA SER A 125 -36.64 -34.14 -5.77
C SER A 125 -36.45 -35.65 -5.90
N PHE A 126 -36.17 -36.29 -4.77
CA PHE A 126 -35.97 -37.74 -4.72
C PHE A 126 -37.30 -38.47 -4.88
N ASP A 127 -37.29 -39.53 -5.68
CA ASP A 127 -38.46 -40.39 -5.84
C ASP A 127 -38.70 -41.25 -4.60
N ILE A 128 -37.61 -41.51 -3.88
CA ILE A 128 -37.64 -42.38 -2.72
C ILE A 128 -36.50 -42.03 -1.74
N VAL A 129 -36.83 -41.92 -0.46
CA VAL A 129 -35.85 -41.71 0.58
C VAL A 129 -35.89 -42.93 1.49
N ILE A 130 -34.89 -43.79 1.35
CA ILE A 130 -34.85 -45.11 2.01
C ILE A 130 -34.26 -45.02 3.42
N TYR A 131 -35.13 -45.05 4.42
CA TYR A 131 -34.71 -44.99 5.82
C TYR A 131 -34.22 -46.35 6.32
N LEU A 132 -32.90 -46.47 6.48
CA LEU A 132 -32.28 -47.63 7.12
C LEU A 132 -32.40 -47.56 8.64
N ARG A 133 -33.47 -48.13 9.18
CA ARG A 133 -33.82 -48.00 10.59
C ARG A 133 -33.11 -49.03 11.46
N VAL A 134 -32.29 -48.56 12.41
CA VAL A 134 -31.51 -49.45 13.28
C VAL A 134 -31.58 -49.10 14.76
N SER A 135 -31.30 -50.09 15.61
CA SER A 135 -31.08 -49.83 17.02
C SER A 135 -29.72 -49.16 17.23
N THR A 136 -29.56 -48.43 18.32
CA THR A 136 -28.28 -47.80 18.63
C THR A 136 -27.16 -48.86 18.75
N LYS A 137 -27.47 -49.98 19.41
CA LYS A 137 -26.48 -51.04 19.64
C LYS A 137 -25.91 -51.63 18.36
N THR A 138 -26.77 -51.86 17.37
CA THR A 138 -26.31 -52.41 16.09
C THR A 138 -25.42 -51.39 15.37
N ALA A 139 -25.79 -50.11 15.47
CA ALA A 139 -25.05 -49.03 14.85
C ALA A 139 -23.62 -48.90 15.39
N ILE A 140 -23.48 -48.90 16.72
CA ILE A 140 -22.18 -48.77 17.38
C ILE A 140 -21.21 -49.89 16.97
N SER A 141 -21.73 -51.10 16.82
CA SER A 141 -20.89 -52.22 16.36
C SER A 141 -20.50 -52.10 14.89
N ARG A 142 -21.40 -51.59 14.04
CA ARG A 142 -21.06 -51.34 12.64
C ARG A 142 -20.04 -50.21 12.48
N ILE A 143 -20.11 -49.19 13.33
CA ILE A 143 -19.05 -48.19 13.45
C ILE A 143 -17.69 -48.87 13.70
N LYS A 144 -17.67 -49.84 14.60
CA LYS A 144 -16.45 -50.59 14.93
C LYS A 144 -15.97 -51.48 13.77
N LYS A 145 -16.91 -52.13 13.09
CA LYS A 145 -16.61 -53.03 11.97
C LYS A 145 -16.01 -52.30 10.78
N ARG A 146 -16.82 -51.44 10.16
CA ARG A 146 -16.48 -50.82 8.88
C ARG A 146 -16.61 -49.29 8.87
N GLY A 147 -16.73 -48.69 10.05
CA GLY A 147 -16.80 -47.23 10.16
C GLY A 147 -15.42 -46.60 10.06
N ARG A 148 -15.32 -45.34 10.44
CA ARG A 148 -14.05 -44.62 10.44
C ARG A 148 -13.44 -44.62 11.84
N SER A 149 -12.11 -44.69 11.89
CA SER A 149 -11.40 -44.82 13.16
C SER A 149 -11.62 -43.63 14.11
N GLU A 150 -11.96 -42.47 13.54
CA GLU A 150 -12.19 -41.26 14.33
C GLU A 150 -13.52 -41.31 15.08
N GLU A 151 -14.48 -42.04 14.53
CA GLU A 151 -15.81 -42.20 15.11
C GLU A 151 -15.81 -42.95 16.45
N LEU A 152 -14.67 -43.54 16.79
CA LEU A 152 -14.51 -44.25 18.05
C LEU A 152 -14.13 -43.32 19.20
N LEU A 153 -13.86 -42.06 18.89
CA LEU A 153 -13.28 -41.12 19.86
C LEU A 153 -14.25 -40.49 20.89
N ILE A 154 -15.55 -40.53 20.61
CA ILE A 154 -16.58 -40.01 21.53
C ILE A 154 -17.39 -41.11 22.21
N GLY A 155 -18.03 -40.76 23.33
CA GLY A 155 -18.85 -41.70 24.10
C GLY A 155 -20.15 -42.12 23.41
N GLU A 156 -20.74 -43.22 23.89
CA GLU A 156 -21.96 -43.81 23.33
C GLU A 156 -23.15 -42.86 23.26
N GLU A 157 -23.21 -41.95 24.24
CA GLU A 157 -24.31 -41.00 24.41
C GLU A 157 -24.53 -40.11 23.19
N TYR A 158 -23.46 -39.88 22.43
CA TYR A 158 -23.53 -39.16 21.16
C TYR A 158 -24.39 -39.91 20.15
N TRP A 159 -24.16 -41.21 20.03
CA TRP A 159 -24.85 -42.05 19.05
C TRP A 159 -26.29 -42.33 19.43
N GLU A 160 -26.56 -42.38 20.73
CA GLU A 160 -27.90 -42.53 21.26
C GLU A 160 -28.77 -41.35 20.81
N THR A 161 -28.31 -40.14 21.13
CA THR A 161 -29.01 -38.90 20.81
C THR A 161 -29.20 -38.75 19.29
N LEU A 162 -28.18 -39.15 18.54
CA LEU A 162 -28.24 -39.05 17.09
C LEU A 162 -29.27 -39.99 16.50
N ASN A 163 -29.40 -41.17 17.10
CA ASN A 163 -30.42 -42.12 16.64
C ASN A 163 -31.82 -41.64 17.01
N LYS A 164 -31.92 -41.00 18.17
CA LYS A 164 -33.18 -40.44 18.64
C LYS A 164 -33.64 -39.33 17.73
N ASN A 165 -32.72 -38.43 17.38
CA ASN A 165 -33.01 -37.32 16.49
C ASN A 165 -33.31 -37.76 15.06
N TYR A 166 -32.68 -38.85 14.63
CA TYR A 166 -32.98 -39.46 13.34
C TYR A 166 -34.38 -40.06 13.27
N GLU A 167 -34.77 -40.71 14.35
CA GLU A 167 -36.12 -41.24 14.45
C GLU A 167 -37.13 -40.09 14.48
N GLU A 168 -36.79 -39.03 15.21
CA GLU A 168 -37.64 -37.86 15.31
C GLU A 168 -37.79 -37.16 13.96
N PHE A 169 -36.71 -37.10 13.18
CA PHE A 169 -36.74 -36.49 11.86
C PHE A 169 -37.73 -37.20 10.94
N TYR A 170 -37.69 -38.53 10.97
CA TYR A 170 -38.59 -39.36 10.14
C TYR A 170 -40.05 -39.25 10.56
N LYS A 171 -40.30 -39.25 11.87
CA LYS A 171 -41.66 -39.13 12.39
C LYS A 171 -42.27 -37.75 12.11
N GLN A 172 -41.45 -36.70 12.18
CA GLN A 172 -41.95 -35.35 11.89
C GLN A 172 -42.09 -35.11 10.39
N ASN A 173 -41.17 -35.70 9.61
CA ASN A 173 -41.15 -35.55 8.16
C ASN A 173 -41.42 -34.12 7.64
N VAL A 174 -40.74 -33.15 8.24
CA VAL A 174 -40.90 -31.74 7.88
C VAL A 174 -40.92 -31.50 6.36
N TYR A 175 -39.95 -32.05 5.65
CA TYR A 175 -39.82 -31.77 4.21
C TYR A 175 -40.72 -32.65 3.34
N ASP A 176 -41.53 -33.49 3.99
CA ASP A 176 -42.42 -34.45 3.33
C ASP A 176 -41.67 -35.30 2.28
N PHE A 177 -40.63 -36.02 2.74
CA PHE A 177 -39.91 -36.98 1.93
C PHE A 177 -40.79 -38.19 1.66
N PRO A 178 -40.68 -38.79 0.46
CA PRO A 178 -41.36 -40.07 0.21
C PRO A 178 -40.60 -41.20 0.90
N PHE A 179 -40.78 -41.33 2.21
CA PHE A 179 -40.05 -42.30 3.02
C PHE A 179 -40.44 -43.76 2.74
N PHE A 180 -39.44 -44.65 2.72
CA PHE A 180 -39.65 -46.09 2.64
C PHE A 180 -38.76 -46.73 3.70
N VAL A 181 -39.38 -47.29 4.73
CA VAL A 181 -38.63 -47.85 5.85
C VAL A 181 -38.14 -49.27 5.56
N VAL A 182 -36.88 -49.54 5.91
CA VAL A 182 -36.27 -50.84 5.78
C VAL A 182 -35.73 -51.23 7.14
N ASP A 183 -35.99 -52.46 7.59
CA ASP A 183 -35.45 -52.94 8.86
C ASP A 183 -33.96 -53.25 8.70
N ALA A 184 -33.12 -52.33 9.12
CA ALA A 184 -31.69 -52.45 8.87
C ALA A 184 -31.01 -53.50 9.78
N GLU A 185 -31.77 -54.09 10.70
CA GLU A 185 -31.28 -55.18 11.53
C GLU A 185 -31.13 -56.44 10.70
N LEU A 186 -31.92 -56.52 9.63
CA LEU A 186 -31.87 -57.60 8.65
C LEU A 186 -30.51 -57.68 7.99
N ASP A 187 -30.09 -58.89 7.60
CA ASP A 187 -28.82 -59.04 6.90
C ASP A 187 -28.86 -58.26 5.58
N VAL A 188 -27.71 -57.99 4.99
CA VAL A 188 -27.68 -57.09 3.85
C VAL A 188 -28.47 -57.65 2.66
N LYS A 189 -28.21 -58.92 2.33
CA LYS A 189 -28.89 -59.59 1.21
C LYS A 189 -30.41 -59.41 1.23
N THR A 190 -31.00 -59.50 2.42
CA THR A 190 -32.44 -59.40 2.57
C THR A 190 -32.89 -57.96 2.36
N GLN A 191 -32.13 -57.01 2.88
CA GLN A 191 -32.42 -55.58 2.72
C GLN A 191 -32.48 -55.19 1.24
N ILE A 192 -31.56 -55.74 0.45
CA ILE A 192 -31.50 -55.46 -0.98
C ILE A 192 -32.72 -56.01 -1.71
N GLU A 193 -33.19 -57.17 -1.25
CA GLU A 193 -34.42 -57.77 -1.79
C GLU A 193 -35.62 -56.84 -1.58
N LEU A 194 -35.83 -56.40 -0.34
CA LEU A 194 -36.89 -55.45 -0.03
C LEU A 194 -36.78 -54.16 -0.84
N ILE A 195 -35.57 -53.64 -1.01
CA ILE A 195 -35.34 -52.39 -1.74
C ILE A 195 -35.60 -52.53 -3.25
N MET A 196 -34.99 -53.54 -3.86
CA MET A 196 -35.23 -53.79 -5.29
C MET A 196 -36.70 -53.99 -5.63
N ASN A 197 -37.41 -54.73 -4.79
CA ASN A 197 -38.85 -54.91 -4.97
C ASN A 197 -39.63 -53.59 -4.98
N LYS A 198 -39.31 -52.71 -4.05
CA LYS A 198 -39.92 -51.39 -3.99
C LYS A 198 -39.54 -50.52 -5.18
N LEU A 199 -38.25 -50.55 -5.52
CA LEU A 199 -37.72 -49.78 -6.63
C LEU A 199 -38.39 -50.13 -7.95
N ASN A 200 -38.70 -51.40 -8.16
CA ASN A 200 -39.46 -51.82 -9.35
C ASN A 200 -40.93 -51.33 -9.38
N SER A 201 -41.20 -50.21 -8.72
CA SER A 201 -42.49 -49.52 -8.81
C SER A 201 -42.29 -48.00 -8.79
N MET B 2 -33.32 6.47 -6.00
CA MET B 2 -32.08 6.83 -5.26
C MET B 2 -31.79 5.86 -4.11
N LYS B 3 -30.81 4.97 -4.33
CA LYS B 3 -30.38 3.99 -3.33
C LYS B 3 -28.95 4.32 -2.87
N ILE B 4 -28.82 4.72 -1.61
CA ILE B 4 -27.53 5.21 -1.10
C ILE B 4 -26.92 4.26 -0.06
N ALA B 5 -25.62 4.03 -0.17
CA ALA B 5 -24.87 3.29 0.85
C ALA B 5 -23.69 4.10 1.38
N ILE B 6 -23.43 3.98 2.69
CA ILE B 6 -22.26 4.61 3.32
C ILE B 6 -21.28 3.55 3.84
N PHE B 7 -20.05 3.65 3.37
CA PHE B 7 -19.07 2.57 3.42
C PHE B 7 -17.81 3.05 4.15
N GLY B 8 -17.21 2.16 4.94
CA GLY B 8 -16.01 2.49 5.68
C GLY B 8 -15.86 1.71 6.97
N THR B 9 -14.68 1.80 7.57
CA THR B 9 -14.35 1.03 8.77
C THR B 9 -15.10 1.49 10.02
N VAL B 10 -14.85 0.80 11.13
CA VAL B 10 -15.45 1.12 12.42
C VAL B 10 -14.87 2.44 12.91
N GLY B 11 -15.74 3.36 13.30
CA GLY B 11 -15.33 4.70 13.72
C GLY B 11 -15.07 5.70 12.60
N ALA B 12 -15.36 5.30 11.35
CA ALA B 12 -15.26 6.22 10.21
C ALA B 12 -16.31 7.33 10.27
N GLY B 13 -17.41 7.06 10.96
CA GLY B 13 -18.50 8.01 11.13
C GLY B 13 -19.64 7.75 10.17
N LYS B 14 -19.89 6.48 9.87
CA LYS B 14 -20.97 6.07 8.97
C LYS B 14 -22.36 6.35 9.54
N SER B 15 -22.49 6.28 10.86
CA SER B 15 -23.76 6.51 11.53
C SER B 15 -24.09 8.00 11.60
N THR B 16 -23.10 8.80 11.97
CA THR B 16 -23.28 10.25 12.02
C THR B 16 -23.64 10.78 10.63
N ILE B 17 -22.96 10.26 9.59
CA ILE B 17 -23.19 10.72 8.21
C ILE B 17 -24.56 10.30 7.67
N SER B 18 -24.93 9.04 7.89
CA SER B 18 -26.23 8.56 7.45
C SER B 18 -27.41 9.27 8.11
N ALA B 19 -27.28 9.57 9.40
CA ALA B 19 -28.34 10.24 10.14
C ALA B 19 -28.64 11.61 9.56
N GLU B 20 -27.58 12.40 9.33
CA GLU B 20 -27.69 13.73 8.73
C GLU B 20 -28.36 13.70 7.36
N ILE B 21 -27.97 12.71 6.55
CA ILE B 21 -28.54 12.52 5.22
C ILE B 21 -30.03 12.18 5.33
N SER B 22 -30.34 11.27 6.24
CA SER B 22 -31.71 10.83 6.48
C SER B 22 -32.60 11.97 6.97
N LYS B 23 -31.98 12.96 7.60
CA LYS B 23 -32.70 14.15 8.02
C LYS B 23 -32.95 15.06 6.82
N LYS B 24 -31.94 15.22 5.97
CA LYS B 24 -32.01 16.15 4.85
C LYS B 24 -32.88 15.69 3.68
N LEU B 25 -32.74 14.42 3.29
CA LEU B 25 -33.50 13.89 2.16
C LEU B 25 -34.77 13.16 2.58
N GLY B 26 -34.82 12.76 3.86
CA GLY B 26 -36.01 12.12 4.42
C GLY B 26 -36.22 10.69 3.96
N TYR B 27 -35.15 9.90 3.96
CA TYR B 27 -35.26 8.47 3.66
C TYR B 27 -35.10 7.67 4.95
N GLU B 28 -35.20 6.35 4.84
CA GLU B 28 -35.07 5.46 5.99
C GLU B 28 -33.68 4.81 6.02
N ILE B 29 -33.07 4.79 7.22
CA ILE B 29 -31.76 4.15 7.41
C ILE B 29 -31.91 2.67 7.76
N PHE B 30 -31.16 1.82 7.07
CA PHE B 30 -31.10 0.39 7.39
C PHE B 30 -29.83 0.07 8.18
N LYS B 31 -30.01 -0.47 9.39
CA LYS B 31 -28.89 -0.71 10.29
C LYS B 31 -28.79 -2.15 10.75
N GLU B 32 -27.60 -2.72 10.62
CA GLU B 32 -27.31 -4.08 11.07
C GLU B 32 -27.47 -4.18 12.59
N PRO B 33 -27.85 -5.37 13.10
CA PRO B 33 -27.97 -5.57 14.56
C PRO B 33 -26.63 -5.37 15.27
N VAL B 34 -26.65 -4.53 16.29
CA VAL B 34 -25.47 -4.26 17.11
C VAL B 34 -25.84 -4.48 18.59
N GLU B 35 -26.91 -3.80 19.05
CA GLU B 35 -27.43 -4.01 20.40
C GLU B 35 -28.12 -5.37 20.53
N GLU B 36 -28.67 -5.85 19.42
CA GLU B 36 -29.38 -7.13 19.40
C GLU B 36 -28.47 -8.34 19.14
N ASN B 37 -27.24 -8.09 18.70
CA ASN B 37 -26.26 -9.16 18.48
C ASN B 37 -25.80 -9.73 19.82
N PRO B 38 -26.10 -11.02 20.06
CA PRO B 38 -25.74 -11.66 21.33
C PRO B 38 -24.24 -11.95 21.47
N TYR B 39 -23.50 -11.89 20.37
CA TYR B 39 -22.08 -12.24 20.35
C TYR B 39 -21.14 -11.04 20.44
N PHE B 40 -21.70 -9.83 20.59
CA PHE B 40 -20.93 -8.60 20.45
C PHE B 40 -19.80 -8.42 21.47
N GLU B 41 -20.11 -8.52 22.76
CA GLU B 41 -19.10 -8.46 23.81
C GLU B 41 -18.13 -9.64 23.71
N GLN B 42 -18.67 -10.83 23.50
CA GLN B 42 -17.87 -12.05 23.35
C GLN B 42 -16.82 -11.86 22.27
N TYR B 43 -17.28 -11.41 21.10
CA TYR B 43 -16.42 -11.23 19.93
C TYR B 43 -15.13 -10.46 20.23
N TYR B 44 -15.24 -9.37 20.99
CA TYR B 44 -14.08 -8.55 21.28
C TYR B 44 -13.22 -9.03 22.46
N LYS B 45 -13.76 -9.92 23.29
CA LYS B 45 -12.95 -10.52 24.35
C LYS B 45 -12.11 -11.69 23.81
N ASP B 46 -12.66 -12.41 22.85
CA ASP B 46 -12.06 -13.65 22.37
C ASP B 46 -12.38 -13.90 20.89
N LEU B 47 -11.65 -13.21 20.01
CA LEU B 47 -11.84 -13.34 18.57
C LEU B 47 -11.84 -14.82 18.13
N LYS B 48 -10.72 -15.52 18.35
CA LYS B 48 -10.59 -16.94 17.98
C LYS B 48 -11.84 -17.79 18.24
N LYS B 49 -12.48 -17.57 19.38
CA LYS B 49 -13.63 -18.39 19.79
C LYS B 49 -14.96 -17.94 19.20
N THR B 50 -15.04 -16.69 18.76
CA THR B 50 -16.31 -16.12 18.33
C THR B 50 -16.44 -15.85 16.82
N VAL B 51 -15.31 -15.70 16.12
CA VAL B 51 -15.31 -15.29 14.71
C VAL B 51 -16.38 -15.98 13.86
N PHE B 52 -16.47 -17.30 13.96
CA PHE B 52 -17.46 -18.08 13.19
C PHE B 52 -18.92 -17.84 13.62
N LYS B 53 -19.19 -17.88 14.93
CA LYS B 53 -20.52 -17.55 15.47
C LYS B 53 -20.97 -16.17 15.00
N MET B 54 -20.10 -15.17 15.19
CA MET B 54 -20.38 -13.79 14.79
C MET B 54 -20.76 -13.76 13.32
N GLN B 55 -19.85 -14.26 12.50
CA GLN B 55 -19.98 -14.28 11.06
C GLN B 55 -21.30 -14.89 10.54
N ILE B 56 -21.68 -16.03 11.07
CA ILE B 56 -22.96 -16.66 10.68
C ILE B 56 -24.18 -15.80 11.06
N TYR B 57 -24.12 -15.18 12.24
CA TYR B 57 -25.16 -14.26 12.69
C TYR B 57 -25.29 -13.07 11.75
N MET B 58 -24.17 -12.42 11.45
CA MET B 58 -24.16 -11.26 10.56
C MET B 58 -24.62 -11.59 9.15
N LEU B 59 -24.23 -12.77 8.65
CA LEU B 59 -24.64 -13.20 7.30
C LEU B 59 -26.15 -13.44 7.20
N THR B 60 -26.75 -13.93 8.29
CA THR B 60 -28.20 -14.08 8.38
C THR B 60 -28.88 -12.71 8.31
N ALA B 61 -28.33 -11.74 9.04
CA ALA B 61 -28.91 -10.40 9.10
C ALA B 61 -28.89 -9.68 7.74
N ARG B 62 -27.78 -9.82 6.99
CA ARG B 62 -27.66 -9.29 5.62
C ARG B 62 -28.76 -9.86 4.73
N SER B 63 -28.88 -11.18 4.74
CA SER B 63 -29.91 -11.90 4.02
C SER B 63 -31.33 -11.37 4.29
N LYS B 64 -31.61 -10.99 5.52
CA LYS B 64 -32.91 -10.42 5.90
C LYS B 64 -33.09 -9.01 5.32
N GLN B 65 -32.08 -8.16 5.50
CA GLN B 65 -32.14 -6.79 4.99
C GLN B 65 -32.41 -6.75 3.48
N LEU B 66 -31.77 -7.65 2.74
CA LEU B 66 -32.00 -7.74 1.30
C LEU B 66 -33.47 -8.01 0.96
N LYS B 67 -34.11 -8.87 1.75
CA LYS B 67 -35.51 -9.23 1.51
C LYS B 67 -36.42 -8.01 1.45
N GLN B 68 -36.22 -7.07 2.37
CA GLN B 68 -37.04 -5.87 2.44
C GLN B 68 -36.58 -4.75 1.51
N ALA B 69 -35.26 -4.58 1.40
CA ALA B 69 -34.66 -3.47 0.66
C ALA B 69 -34.92 -3.47 -0.86
N LYS B 70 -34.86 -4.64 -1.48
CA LYS B 70 -34.92 -4.74 -2.95
C LYS B 70 -36.33 -4.56 -3.51
N ASN B 71 -37.20 -3.92 -2.74
CA ASN B 71 -38.50 -3.46 -3.22
C ASN B 71 -38.81 -2.05 -2.72
N LEU B 72 -37.76 -1.25 -2.56
CA LEU B 72 -37.88 0.13 -2.08
C LEU B 72 -37.01 1.05 -2.93
N GLU B 73 -37.58 2.20 -3.31
CA GLU B 73 -36.90 3.15 -4.18
C GLU B 73 -35.94 4.06 -3.42
N ASN B 74 -36.39 4.60 -2.29
CA ASN B 74 -35.58 5.51 -1.49
C ASN B 74 -35.06 4.85 -0.20
N ILE B 75 -33.76 4.54 -0.19
CA ILE B 75 -33.12 3.89 0.95
C ILE B 75 -31.73 4.45 1.25
N ILE B 76 -31.35 4.38 2.52
CA ILE B 76 -30.00 4.69 2.97
C ILE B 76 -29.48 3.46 3.72
N PHE B 77 -28.26 3.05 3.39
CA PHE B 77 -27.66 1.87 4.00
C PHE B 77 -26.39 2.24 4.74
N ASP B 78 -26.38 1.96 6.04
CA ASP B 78 -25.15 1.98 6.83
C ASP B 78 -24.47 0.63 6.61
N ARG B 79 -23.41 0.63 5.80
CA ARG B 79 -22.75 -0.59 5.29
C ARG B 79 -23.60 -1.33 4.25
N THR B 80 -22.93 -2.06 3.36
CA THR B 80 -23.58 -2.89 2.35
C THR B 80 -23.63 -4.35 2.82
N LEU B 81 -24.15 -5.23 1.98
CA LEU B 81 -24.34 -6.61 2.35
C LEU B 81 -23.10 -7.48 2.10
N LEU B 82 -22.12 -6.92 1.41
CA LEU B 82 -21.04 -7.73 0.85
C LEU B 82 -19.71 -7.53 1.57
N GLU B 83 -19.78 -6.93 2.76
CA GLU B 83 -18.57 -6.50 3.47
C GLU B 83 -18.15 -7.39 4.62
N ASP B 84 -18.85 -8.50 4.81
CA ASP B 84 -18.54 -9.43 5.89
C ASP B 84 -17.20 -10.16 5.73
N PRO B 85 -16.83 -10.56 4.49
CA PRO B 85 -15.49 -11.13 4.28
C PRO B 85 -14.30 -10.24 4.68
N ILE B 86 -14.53 -8.94 4.82
CA ILE B 86 -13.46 -8.01 5.25
C ILE B 86 -13.03 -8.35 6.68
N PHE B 87 -14.01 -8.52 7.56
CA PHE B 87 -13.78 -8.90 8.97
C PHE B 87 -13.19 -10.32 9.10
N MET B 88 -13.49 -11.18 8.14
CA MET B 88 -12.90 -12.51 8.16
C MET B 88 -11.43 -12.42 7.73
N LYS B 89 -11.20 -11.74 6.61
CA LYS B 89 -9.86 -11.45 6.11
C LYS B 89 -8.97 -10.81 7.17
N VAL B 90 -9.57 -10.02 8.06
CA VAL B 90 -8.84 -9.40 9.17
C VAL B 90 -8.34 -10.46 10.16
N ASN B 91 -9.26 -11.33 10.61
CA ASN B 91 -8.90 -12.38 11.56
C ASN B 91 -7.89 -13.35 10.98
N TYR B 92 -8.04 -13.60 9.68
CA TYR B 92 -7.07 -14.36 8.90
C TYR B 92 -5.68 -13.74 8.99
N ASP B 93 -5.59 -12.42 8.77
CA ASP B 93 -4.31 -11.70 8.83
C ASP B 93 -3.70 -11.71 10.23
N LEU B 94 -4.55 -11.71 11.25
CA LEU B 94 -4.10 -11.70 12.65
C LEU B 94 -3.98 -13.10 13.27
N ASN B 95 -4.09 -14.13 12.42
CA ASN B 95 -3.89 -15.53 12.84
C ASN B 95 -4.89 -16.02 13.90
N ASN B 96 -6.13 -15.55 13.80
CA ASN B 96 -7.24 -16.10 14.58
C ASN B 96 -8.00 -17.15 13.77
N VAL B 97 -7.68 -17.18 12.48
CA VAL B 97 -8.28 -18.08 11.52
C VAL B 97 -7.17 -18.55 10.57
N ASP B 98 -7.02 -19.87 10.44
CA ASP B 98 -5.94 -20.42 9.60
C ASP B 98 -6.35 -20.54 8.13
N GLN B 99 -5.41 -20.94 7.30
CA GLN B 99 -5.65 -21.05 5.86
C GLN B 99 -6.89 -21.89 5.57
N THR B 100 -7.01 -23.03 6.25
CA THR B 100 -8.09 -23.97 5.97
C THR B 100 -9.46 -23.31 6.21
N ASP B 101 -9.59 -22.65 7.36
CA ASP B 101 -10.83 -21.96 7.72
C ASP B 101 -11.19 -20.89 6.69
N TYR B 102 -10.18 -20.08 6.33
CA TYR B 102 -10.38 -18.99 5.36
C TYR B 102 -10.74 -19.51 3.97
N ASN B 103 -10.20 -20.68 3.63
CA ASN B 103 -10.54 -21.33 2.37
C ASN B 103 -11.96 -21.89 2.43
N THR B 104 -12.34 -22.41 3.60
CA THR B 104 -13.68 -22.96 3.78
C THR B 104 -14.70 -21.83 3.73
N TYR B 105 -14.39 -20.72 4.39
CA TYR B 105 -15.25 -19.55 4.40
C TYR B 105 -15.45 -18.93 3.01
N ILE B 106 -14.37 -18.71 2.28
CA ILE B 106 -14.48 -18.14 0.93
C ILE B 106 -15.17 -19.10 -0.04
N ASP B 107 -14.99 -20.39 0.20
CA ASP B 107 -15.66 -21.46 -0.53
C ASP B 107 -17.14 -21.45 -0.15
N PHE B 108 -17.39 -21.13 1.12
CA PHE B 108 -18.74 -21.05 1.67
C PHE B 108 -19.46 -19.80 1.14
N TYR B 109 -18.75 -18.67 1.16
CA TYR B 109 -19.29 -17.38 0.74
C TYR B 109 -19.71 -17.34 -0.73
N ASN B 110 -18.88 -17.92 -1.59
CA ASN B 110 -19.13 -17.86 -3.02
C ASN B 110 -20.14 -18.89 -3.50
N ASN B 111 -20.25 -19.99 -2.77
CA ASN B 111 -21.09 -21.11 -3.20
C ASN B 111 -22.38 -21.29 -2.44
N VAL B 112 -22.44 -20.76 -1.22
CA VAL B 112 -23.70 -20.77 -0.46
C VAL B 112 -24.30 -19.36 -0.33
N VAL B 113 -23.55 -18.41 0.23
CA VAL B 113 -24.07 -17.05 0.46
C VAL B 113 -24.46 -16.29 -0.83
N LEU B 114 -23.57 -16.27 -1.81
CA LEU B 114 -23.78 -15.45 -3.01
C LEU B 114 -24.84 -15.99 -3.98
N GLU B 115 -25.65 -16.92 -3.49
CA GLU B 115 -26.79 -17.42 -4.25
C GLU B 115 -28.03 -16.55 -4.08
N ASN B 116 -27.91 -15.49 -3.27
CA ASN B 116 -28.95 -14.46 -3.18
C ASN B 116 -29.09 -13.64 -4.48
N LEU B 117 -27.99 -13.57 -5.26
CA LEU B 117 -27.92 -12.78 -6.49
C LEU B 117 -28.67 -13.46 -7.65
N SER B 125 -28.57 -3.52 -5.60
CA SER B 125 -27.52 -2.67 -6.17
C SER B 125 -27.82 -1.17 -6.02
N PHE B 126 -26.78 -0.41 -5.63
CA PHE B 126 -26.92 1.01 -5.25
C PHE B 126 -26.68 2.00 -6.39
N ASP B 127 -26.94 3.28 -6.10
CA ASP B 127 -26.70 4.38 -7.04
C ASP B 127 -25.37 5.07 -6.75
N ILE B 128 -24.92 4.98 -5.50
CA ILE B 128 -23.70 5.62 -5.02
C ILE B 128 -23.24 4.97 -3.72
N VAL B 129 -21.95 4.65 -3.63
CA VAL B 129 -21.41 4.13 -2.38
C VAL B 129 -20.39 5.12 -1.84
N ILE B 130 -20.82 5.92 -0.87
CA ILE B 130 -19.94 6.90 -0.24
C ILE B 130 -18.91 6.18 0.62
N TYR B 131 -17.65 6.43 0.33
CA TYR B 131 -16.56 5.85 1.11
C TYR B 131 -15.93 6.91 2.02
N LEU B 132 -16.15 6.73 3.32
CA LEU B 132 -15.59 7.65 4.32
C LEU B 132 -14.15 7.23 4.63
N ARG B 133 -13.24 7.67 3.78
CA ARG B 133 -11.82 7.34 3.88
C ARG B 133 -11.21 8.07 5.08
N VAL B 134 -10.60 7.32 5.97
CA VAL B 134 -10.12 7.85 7.25
C VAL B 134 -8.90 7.12 7.75
N SER B 135 -8.04 7.81 8.51
CA SER B 135 -6.89 7.16 9.10
C SER B 135 -7.33 6.33 10.30
N THR B 136 -6.51 5.35 10.65
CA THR B 136 -6.74 4.48 11.80
C THR B 136 -6.93 5.30 13.08
N LYS B 137 -6.03 6.25 13.34
CA LYS B 137 -6.02 7.01 14.58
C LYS B 137 -7.32 7.79 14.82
N THR B 138 -7.87 8.35 13.75
CA THR B 138 -9.09 9.17 13.83
C THR B 138 -10.30 8.27 14.13
N ALA B 139 -10.41 7.17 13.41
CA ALA B 139 -11.45 6.15 13.67
C ALA B 139 -11.38 5.60 15.09
N ILE B 140 -10.17 5.28 15.55
CA ILE B 140 -9.92 4.88 16.94
C ILE B 140 -10.47 5.92 17.95
N SER B 141 -10.29 7.20 17.65
CA SER B 141 -10.78 8.23 18.54
C SER B 141 -12.30 8.36 18.46
N ARG B 142 -12.88 8.08 17.29
CA ARG B 142 -14.33 8.11 17.16
C ARG B 142 -15.02 6.92 17.84
N ILE B 143 -14.32 5.78 17.93
CA ILE B 143 -14.74 4.66 18.77
C ILE B 143 -14.77 5.10 20.26
N LYS B 144 -13.75 5.83 20.70
CA LYS B 144 -13.71 6.35 22.08
C LYS B 144 -14.86 7.26 22.50
N LYS B 145 -15.35 8.09 21.58
CA LYS B 145 -16.41 9.06 21.93
C LYS B 145 -17.80 8.83 21.32
N ARG B 146 -17.91 7.99 20.28
CA ARG B 146 -19.18 7.80 19.57
C ARG B 146 -19.60 6.33 19.46
N GLY B 147 -18.64 5.42 19.63
CA GLY B 147 -18.86 3.99 19.41
C GLY B 147 -19.18 3.19 20.66
N ARG B 148 -19.21 1.86 20.52
CA ARG B 148 -19.63 0.96 21.59
C ARG B 148 -18.47 0.58 22.52
N SER B 149 -18.73 0.54 23.82
CA SER B 149 -17.68 0.28 24.81
C SER B 149 -16.98 -1.08 24.61
N GLU B 150 -17.72 -2.05 24.08
CA GLU B 150 -17.15 -3.34 23.72
C GLU B 150 -15.98 -3.17 22.74
N GLU B 151 -16.16 -2.32 21.74
CA GLU B 151 -15.12 -2.05 20.73
C GLU B 151 -13.78 -1.57 21.34
N LEU B 152 -13.81 -1.12 22.60
CA LEU B 152 -12.63 -0.63 23.30
C LEU B 152 -11.72 -1.73 23.84
N LEU B 153 -12.10 -2.99 23.64
CA LEU B 153 -11.46 -4.12 24.33
C LEU B 153 -10.31 -4.79 23.59
N ILE B 154 -10.33 -4.77 22.26
CA ILE B 154 -9.18 -5.28 21.47
C ILE B 154 -8.15 -4.19 21.15
N GLY B 155 -6.95 -4.62 20.79
CA GLY B 155 -5.84 -3.72 20.52
C GLY B 155 -5.94 -3.01 19.19
N GLU B 156 -5.04 -2.05 19.01
CA GLU B 156 -4.95 -1.24 17.79
C GLU B 156 -4.76 -2.08 16.54
N GLU B 157 -3.96 -3.15 16.64
CA GLU B 157 -3.62 -4.01 15.50
C GLU B 157 -4.87 -4.38 14.73
N TYR B 158 -5.96 -4.61 15.46
CA TYR B 158 -7.22 -5.00 14.86
C TYR B 158 -7.76 -3.90 13.95
N TRP B 159 -7.78 -2.67 14.47
CA TRP B 159 -8.28 -1.52 13.73
C TRP B 159 -7.41 -1.15 12.54
N GLU B 160 -6.09 -1.20 12.73
CA GLU B 160 -5.14 -1.01 11.64
C GLU B 160 -5.43 -2.01 10.52
N THR B 161 -5.54 -3.29 10.88
CA THR B 161 -5.75 -4.35 9.91
C THR B 161 -7.09 -4.21 9.22
N LEU B 162 -8.06 -3.62 9.93
CA LEU B 162 -9.39 -3.42 9.37
C LEU B 162 -9.37 -2.30 8.33
N ASN B 163 -8.78 -1.16 8.71
CA ASN B 163 -8.66 0.00 7.82
C ASN B 163 -7.93 -0.44 6.56
N LYS B 164 -6.79 -1.11 6.74
CA LYS B 164 -5.99 -1.60 5.63
C LYS B 164 -6.83 -2.36 4.61
N ASN B 165 -7.55 -3.38 5.09
CA ASN B 165 -8.46 -4.21 4.30
C ASN B 165 -9.65 -3.48 3.69
N TYR B 166 -10.10 -2.41 4.36
CA TYR B 166 -11.19 -1.60 3.83
C TYR B 166 -10.77 -0.85 2.57
N GLU B 167 -9.58 -0.23 2.62
CA GLU B 167 -8.99 0.44 1.47
C GLU B 167 -8.73 -0.59 0.36
N GLU B 168 -8.17 -1.72 0.75
CA GLU B 168 -7.93 -2.84 -0.15
C GLU B 168 -9.20 -3.21 -0.92
N PHE B 169 -10.31 -3.35 -0.18
CA PHE B 169 -11.63 -3.66 -0.73
C PHE B 169 -12.08 -2.59 -1.73
N TYR B 170 -11.85 -1.32 -1.37
CA TYR B 170 -12.18 -0.20 -2.23
C TYR B 170 -11.34 -0.16 -3.51
N LYS B 171 -10.06 -0.47 -3.39
CA LYS B 171 -9.16 -0.44 -4.55
C LYS B 171 -9.44 -1.57 -5.53
N GLN B 172 -9.72 -2.76 -5.01
CA GLN B 172 -10.04 -3.91 -5.85
C GLN B 172 -11.47 -3.86 -6.40
N ASN B 173 -12.39 -3.35 -5.59
CA ASN B 173 -13.80 -3.15 -5.97
C ASN B 173 -14.37 -4.27 -6.85
N VAL B 174 -14.35 -5.49 -6.34
CA VAL B 174 -14.67 -6.71 -7.11
C VAL B 174 -16.15 -6.81 -7.51
N TYR B 175 -17.01 -6.04 -6.84
CA TYR B 175 -18.43 -6.03 -7.16
C TYR B 175 -18.85 -4.83 -8.03
N ASP B 176 -17.89 -3.94 -8.30
CA ASP B 176 -18.07 -2.77 -9.15
C ASP B 176 -19.08 -1.76 -8.58
N PHE B 177 -18.84 -1.33 -7.34
CA PHE B 177 -19.67 -0.33 -6.68
C PHE B 177 -19.43 1.07 -7.29
N PRO B 178 -20.51 1.79 -7.61
CA PRO B 178 -20.34 3.21 -7.96
C PRO B 178 -19.84 4.03 -6.77
N PHE B 179 -18.56 3.90 -6.47
CA PHE B 179 -17.94 4.54 -5.31
C PHE B 179 -17.85 6.06 -5.45
N PHE B 180 -17.91 6.74 -4.30
CA PHE B 180 -17.58 8.15 -4.19
C PHE B 180 -16.78 8.35 -2.90
N VAL B 181 -15.58 8.93 -3.01
CA VAL B 181 -14.66 9.07 -1.88
C VAL B 181 -14.74 10.45 -1.20
N VAL B 182 -14.84 10.41 0.13
CA VAL B 182 -14.86 11.61 0.98
C VAL B 182 -13.77 11.49 2.05
N ASP B 183 -12.93 12.52 2.15
CA ASP B 183 -11.93 12.57 3.22
C ASP B 183 -12.59 12.82 4.58
N ALA B 184 -12.73 11.75 5.37
CA ALA B 184 -13.41 11.80 6.66
C ALA B 184 -12.60 12.44 7.79
N GLU B 185 -11.36 12.82 7.51
CA GLU B 185 -10.55 13.61 8.45
C GLU B 185 -11.12 15.01 8.64
N LEU B 186 -11.80 15.50 7.62
CA LEU B 186 -12.56 16.75 7.67
C LEU B 186 -13.69 16.64 8.69
N ASP B 187 -14.17 17.78 9.20
CA ASP B 187 -15.27 17.75 10.17
C ASP B 187 -16.59 17.46 9.46
N VAL B 188 -17.53 16.86 10.19
CA VAL B 188 -18.79 16.39 9.61
C VAL B 188 -19.47 17.41 8.70
N LYS B 189 -19.50 18.67 9.12
CA LYS B 189 -20.12 19.75 8.34
C LYS B 189 -19.68 19.76 6.87
N THR B 190 -18.36 19.73 6.64
CA THR B 190 -17.81 19.71 5.29
C THR B 190 -18.16 18.42 4.55
N GLN B 191 -18.05 17.29 5.24
CA GLN B 191 -18.39 15.99 4.67
C GLN B 191 -19.81 15.99 4.11
N ILE B 192 -20.74 16.56 4.86
CA ILE B 192 -22.14 16.65 4.43
C ILE B 192 -22.28 17.53 3.18
N GLU B 193 -21.58 18.66 3.15
CA GLU B 193 -21.66 19.59 2.02
C GLU B 193 -21.18 18.93 0.73
N LEU B 194 -20.10 18.15 0.82
CA LEU B 194 -19.54 17.45 -0.34
C LEU B 194 -20.45 16.31 -0.80
N ILE B 195 -21.17 15.72 0.14
CA ILE B 195 -22.06 14.61 -0.15
C ILE B 195 -23.34 15.11 -0.81
N MET B 196 -23.92 16.15 -0.24
CA MET B 196 -25.14 16.75 -0.80
C MET B 196 -24.90 17.29 -2.22
N ASN B 197 -23.70 17.84 -2.45
CA ASN B 197 -23.31 18.31 -3.78
C ASN B 197 -23.32 17.18 -4.81
N LYS B 198 -22.61 16.10 -4.49
CA LYS B 198 -22.49 14.95 -5.39
C LYS B 198 -23.85 14.33 -5.68
N LEU B 199 -24.69 14.24 -4.64
CA LEU B 199 -26.04 13.67 -4.77
C LEU B 199 -26.94 14.48 -5.71
N ASN B 200 -26.68 15.78 -5.83
CA ASN B 200 -27.47 16.68 -6.68
C ASN B 200 -27.29 16.46 -8.19
N SER B 201 -26.69 15.33 -8.58
CA SER B 201 -26.48 14.99 -9.98
C SER B 201 -26.47 13.47 -10.19
N HIS C 1 7.38 30.01 -21.39
CA HIS C 1 6.51 29.11 -20.56
C HIS C 1 7.22 27.77 -20.30
N MET C 2 7.64 27.56 -19.05
CA MET C 2 8.18 26.27 -18.58
C MET C 2 8.38 26.26 -17.06
N LYS C 3 7.48 25.58 -16.35
CA LYS C 3 7.52 25.56 -14.89
C LYS C 3 7.73 24.13 -14.37
N ILE C 4 8.82 23.94 -13.63
CA ILE C 4 9.28 22.60 -13.24
C ILE C 4 9.38 22.46 -11.72
N ALA C 5 8.77 21.42 -11.18
CA ALA C 5 8.91 21.09 -9.75
C ALA C 5 9.52 19.71 -9.58
N ILE C 6 10.30 19.53 -8.52
CA ILE C 6 10.98 18.27 -8.28
C ILE C 6 10.53 17.69 -6.93
N PHE C 7 10.05 16.45 -6.99
CA PHE C 7 9.17 15.89 -5.96
C PHE C 7 9.69 14.55 -5.43
N GLY C 8 9.74 14.45 -4.11
CA GLY C 8 10.15 13.20 -3.46
C GLY C 8 10.57 13.39 -2.03
N THR C 9 10.80 12.29 -1.35
CA THR C 9 11.11 12.28 0.08
C THR C 9 12.51 12.81 0.39
N VAL C 10 12.79 12.96 1.68
CA VAL C 10 14.06 13.45 2.15
C VAL C 10 15.13 12.45 1.74
N GLY C 11 16.19 12.96 1.10
CA GLY C 11 17.27 12.12 0.60
C GLY C 11 17.01 11.47 -0.74
N ALA C 12 15.95 11.90 -1.44
CA ALA C 12 15.64 11.30 -2.75
C ALA C 12 16.63 11.75 -3.83
N GLY C 13 17.27 12.90 -3.59
CA GLY C 13 18.21 13.50 -4.54
C GLY C 13 17.71 14.75 -5.27
N LYS C 14 16.70 15.41 -4.70
CA LYS C 14 16.08 16.60 -5.31
C LYS C 14 17.05 17.77 -5.42
N SER C 15 17.96 17.86 -4.44
CA SER C 15 18.93 18.95 -4.40
C SER C 15 19.95 18.77 -5.51
N THR C 16 20.43 17.54 -5.68
CA THR C 16 21.36 17.19 -6.75
C THR C 16 20.71 17.32 -8.13
N ILE C 17 19.47 16.86 -8.26
CA ILE C 17 18.78 16.90 -9.54
C ILE C 17 18.36 18.31 -9.96
N SER C 18 17.81 19.07 -9.01
CA SER C 18 17.37 20.44 -9.29
C SER C 18 18.56 21.34 -9.65
N ALA C 19 19.67 21.17 -8.94
CA ALA C 19 20.92 21.88 -9.25
C ALA C 19 21.39 21.66 -10.70
N GLU C 20 21.38 20.40 -11.16
CA GLU C 20 21.81 20.08 -12.51
C GLU C 20 20.91 20.69 -13.60
N ILE C 21 19.60 20.61 -13.39
CA ILE C 21 18.66 21.16 -14.36
C ILE C 21 18.82 22.68 -14.44
N SER C 22 18.99 23.31 -13.27
CA SER C 22 19.24 24.74 -13.16
C SER C 22 20.39 25.23 -14.04
N LYS C 23 21.54 24.55 -13.99
CA LYS C 23 22.69 24.88 -14.83
C LYS C 23 22.37 24.73 -16.30
N LYS C 24 21.73 23.60 -16.65
CA LYS C 24 21.44 23.27 -18.04
C LYS C 24 20.49 24.23 -18.74
N LEU C 25 19.45 24.68 -18.04
CA LEU C 25 18.42 25.52 -18.65
C LEU C 25 18.46 26.99 -18.20
N GLY C 26 19.20 27.28 -17.14
CA GLY C 26 19.38 28.65 -16.65
C GLY C 26 18.21 29.28 -15.91
N TYR C 27 17.18 28.49 -15.61
CA TYR C 27 16.02 29.01 -14.87
C TYR C 27 16.36 29.09 -13.39
N GLU C 28 15.92 30.16 -12.73
CA GLU C 28 16.23 30.34 -11.31
C GLU C 28 15.54 29.32 -10.41
N ILE C 29 16.22 28.98 -9.32
CA ILE C 29 15.82 27.91 -8.43
C ILE C 29 15.21 28.47 -7.16
N PHE C 30 14.31 27.70 -6.56
CA PHE C 30 13.72 28.05 -5.28
C PHE C 30 13.87 26.87 -4.32
N LYS C 31 14.74 27.03 -3.33
CA LYS C 31 14.92 26.03 -2.28
C LYS C 31 14.28 26.53 -0.98
N GLU C 32 13.72 25.60 -0.20
CA GLU C 32 13.11 25.93 1.09
C GLU C 32 14.15 26.41 2.09
N PRO C 33 13.71 27.17 3.11
CA PRO C 33 14.58 27.42 4.25
C PRO C 33 14.96 26.13 4.95
N VAL C 34 16.25 25.96 5.23
CA VAL C 34 16.73 24.84 6.03
C VAL C 34 17.65 25.38 7.12
N GLU C 35 18.81 25.90 6.74
CA GLU C 35 19.78 26.42 7.72
C GLU C 35 19.18 27.60 8.51
N GLU C 36 18.61 28.56 7.79
CA GLU C 36 17.99 29.74 8.40
C GLU C 36 16.67 29.48 9.14
N ASN C 37 16.06 28.31 8.92
CA ASN C 37 14.90 27.88 9.71
C ASN C 37 15.29 27.70 11.19
N PRO C 38 14.72 28.54 12.09
CA PRO C 38 15.18 28.54 13.50
C PRO C 38 14.63 27.37 14.34
N TYR C 39 13.78 26.55 13.75
CA TYR C 39 13.27 25.34 14.42
C TYR C 39 13.93 24.06 13.90
N PHE C 40 14.82 24.17 12.92
CA PHE C 40 15.38 22.97 12.29
C PHE C 40 16.07 21.98 13.25
N GLU C 41 16.99 22.48 14.08
CA GLU C 41 17.69 21.64 15.04
C GLU C 41 16.75 21.17 16.17
N GLN C 42 15.87 22.07 16.63
CA GLN C 42 14.89 21.75 17.67
C GLN C 42 13.94 20.64 17.24
N TYR C 43 13.53 20.68 15.98
CA TYR C 43 12.57 19.72 15.45
C TYR C 43 13.09 18.29 15.58
N TYR C 44 14.27 18.01 15.03
CA TYR C 44 14.84 16.67 15.03
C TYR C 44 15.33 16.17 16.42
N LYS C 45 15.36 17.06 17.43
CA LYS C 45 15.69 16.69 18.81
C LYS C 45 14.45 16.38 19.63
N ASP C 46 13.32 16.99 19.28
CA ASP C 46 12.05 16.82 19.98
C ASP C 46 10.89 17.19 19.06
N LEU C 47 10.53 16.25 18.18
CA LEU C 47 9.44 16.43 17.22
C LEU C 47 8.16 16.91 17.90
N LYS C 48 7.75 16.23 18.97
CA LYS C 48 6.48 16.51 19.61
C LYS C 48 6.31 17.99 19.98
N LYS C 49 7.36 18.61 20.50
CA LYS C 49 7.30 20.01 20.95
C LYS C 49 7.43 21.01 19.81
N THR C 50 7.84 20.54 18.63
CA THR C 50 8.21 21.47 17.58
C THR C 50 7.29 21.43 16.36
N VAL C 51 6.59 20.32 16.14
CA VAL C 51 5.77 20.10 14.93
C VAL C 51 4.98 21.30 14.49
N PHE C 52 4.20 21.87 15.41
CA PHE C 52 3.32 23.01 15.09
C PHE C 52 4.09 24.25 14.64
N LYS C 53 5.04 24.69 15.47
CA LYS C 53 5.91 25.82 15.13
C LYS C 53 6.59 25.57 13.78
N MET C 54 7.06 24.34 13.58
CA MET C 54 7.73 23.92 12.35
C MET C 54 6.84 24.05 11.12
N GLN C 55 5.60 23.58 11.26
CA GLN C 55 4.60 23.67 10.19
C GLN C 55 4.27 25.13 9.82
N ILE C 56 4.01 25.95 10.83
CA ILE C 56 3.70 27.37 10.64
C ILE C 56 4.81 28.08 9.86
N TYR C 57 6.06 27.90 10.29
CA TYR C 57 7.21 28.50 9.64
C TYR C 57 7.30 28.10 8.16
N MET C 58 7.07 26.81 7.88
CA MET C 58 7.22 26.29 6.53
C MET C 58 6.10 26.73 5.60
N LEU C 59 4.88 26.83 6.16
CA LEU C 59 3.73 27.31 5.42
C LEU C 59 3.96 28.74 4.97
N THR C 60 4.55 29.54 5.87
CA THR C 60 4.92 30.91 5.61
C THR C 60 5.97 30.97 4.50
N ALA C 61 6.97 30.08 4.57
CA ALA C 61 8.04 30.02 3.58
C ALA C 61 7.50 29.71 2.19
N ARG C 62 6.58 28.76 2.12
CA ARG C 62 5.82 28.44 0.92
C ARG C 62 5.09 29.67 0.36
N SER C 63 4.43 30.41 1.25
CA SER C 63 3.62 31.57 0.91
C SER C 63 4.48 32.73 0.37
N LYS C 64 5.65 32.92 0.96
CA LYS C 64 6.62 33.90 0.46
C LYS C 64 7.18 33.50 -0.91
N GLN C 65 7.52 32.21 -1.06
CA GLN C 65 8.01 31.67 -2.34
C GLN C 65 6.99 31.83 -3.47
N LEU C 66 5.71 31.66 -3.16
CA LEU C 66 4.66 31.91 -4.14
C LEU C 66 4.67 33.37 -4.60
N LYS C 67 4.72 34.28 -3.63
CA LYS C 67 4.73 35.73 -3.92
C LYS C 67 5.85 36.14 -4.88
N GLN C 68 7.00 35.48 -4.78
CA GLN C 68 8.15 35.86 -5.59
C GLN C 68 8.31 35.02 -6.83
N ALA C 69 7.40 34.07 -7.03
CA ALA C 69 7.37 33.27 -8.26
C ALA C 69 6.15 33.58 -9.13
N LYS C 70 5.08 34.08 -8.50
CA LYS C 70 3.80 34.36 -9.16
C LYS C 70 3.87 34.65 -10.66
N ASN C 71 4.70 35.60 -11.05
CA ASN C 71 4.70 36.10 -12.43
C ASN C 71 5.86 35.60 -13.31
N LEU C 72 6.72 34.77 -12.73
CA LEU C 72 7.90 34.28 -13.45
C LEU C 72 7.55 33.17 -14.45
N GLU C 73 7.88 33.42 -15.72
CA GLU C 73 7.58 32.52 -16.83
C GLU C 73 8.33 31.19 -16.76
N ASN C 74 9.55 31.23 -16.23
CA ASN C 74 10.42 30.05 -16.17
C ASN C 74 11.00 29.83 -14.79
N ILE C 75 10.64 28.70 -14.17
CA ILE C 75 11.06 28.37 -12.81
C ILE C 75 11.45 26.90 -12.59
N ILE C 76 12.18 26.65 -11.52
CA ILE C 76 12.51 25.30 -11.04
C ILE C 76 12.31 25.31 -9.53
N PHE C 77 11.40 24.46 -9.06
CA PHE C 77 11.08 24.34 -7.64
C PHE C 77 11.60 23.01 -7.10
N ASP C 78 12.40 23.08 -6.04
CA ASP C 78 12.74 21.91 -5.25
C ASP C 78 11.65 21.79 -4.18
N ARG C 79 10.73 20.85 -4.38
CA ARG C 79 9.52 20.66 -3.56
C ARG C 79 8.43 21.69 -3.88
N THR C 80 7.20 21.21 -4.13
CA THR C 80 6.06 22.10 -4.40
C THR C 80 5.60 22.77 -3.11
N LEU C 81 4.49 23.50 -3.18
CA LEU C 81 4.02 24.29 -2.04
C LEU C 81 2.92 23.59 -1.22
N LEU C 82 2.55 22.37 -1.62
CA LEU C 82 1.38 21.68 -1.08
C LEU C 82 1.72 20.36 -0.39
N GLU C 83 2.97 20.23 0.04
CA GLU C 83 3.46 18.96 0.59
C GLU C 83 3.66 18.94 2.11
N ASP C 84 3.49 20.09 2.76
CA ASP C 84 3.63 20.18 4.21
C ASP C 84 2.74 19.20 4.99
N PRO C 85 1.47 19.00 4.56
CA PRO C 85 0.60 17.96 5.16
C PRO C 85 1.20 16.55 5.22
N ILE C 86 2.07 16.19 4.28
CA ILE C 86 2.71 14.87 4.33
C ILE C 86 3.51 14.70 5.63
N PHE C 87 4.28 15.72 5.99
CA PHE C 87 5.07 15.72 7.22
C PHE C 87 4.20 15.73 8.47
N MET C 88 3.04 16.39 8.41
CA MET C 88 2.13 16.42 9.56
C MET C 88 1.49 15.04 9.77
N LYS C 89 1.16 14.39 8.66
CA LYS C 89 0.56 13.08 8.68
C LYS C 89 1.55 12.01 9.20
N VAL C 90 2.84 12.21 8.93
CA VAL C 90 3.90 11.34 9.43
C VAL C 90 3.98 11.41 10.96
N ASN C 91 4.10 12.61 11.50
CA ASN C 91 4.10 12.84 12.93
C ASN C 91 2.83 12.35 13.64
N TYR C 92 1.72 12.33 12.90
CA TYR C 92 0.46 11.84 13.43
C TYR C 92 0.55 10.33 13.60
N ASP C 93 0.99 9.63 12.54
CA ASP C 93 1.19 8.18 12.57
C ASP C 93 2.16 7.71 13.66
N LEU C 94 3.08 8.60 14.05
CA LEU C 94 4.08 8.28 15.06
C LEU C 94 3.71 8.83 16.42
N ASN C 95 2.48 9.32 16.55
CA ASN C 95 1.97 9.87 17.81
C ASN C 95 2.74 11.07 18.35
N ASN C 96 3.21 11.92 17.45
CA ASN C 96 3.81 13.19 17.81
C ASN C 96 2.75 14.29 17.89
N VAL C 97 1.58 14.00 17.32
CA VAL C 97 0.44 14.90 17.29
C VAL C 97 -0.78 14.05 17.64
N ASP C 98 -1.60 14.50 18.61
CA ASP C 98 -2.84 13.79 18.93
C ASP C 98 -3.93 14.05 17.89
N GLN C 99 -5.09 13.41 18.06
CA GLN C 99 -6.16 13.52 17.06
C GLN C 99 -6.72 14.94 16.94
N THR C 100 -6.94 15.58 18.09
CA THR C 100 -7.46 16.95 18.15
C THR C 100 -6.56 17.92 17.37
N ASP C 101 -5.25 17.86 17.63
CA ASP C 101 -4.26 18.73 16.97
C ASP C 101 -4.14 18.48 15.46
N TYR C 102 -4.39 17.25 15.01
CA TYR C 102 -4.33 16.95 13.59
C TYR C 102 -5.60 17.42 12.90
N ASN C 103 -6.74 17.17 13.51
CA ASN C 103 -8.01 17.67 13.00
C ASN C 103 -7.99 19.20 12.90
N THR C 104 -7.49 19.87 13.93
CA THR C 104 -7.26 21.31 13.88
C THR C 104 -6.42 21.67 12.64
N TYR C 105 -5.33 20.94 12.41
CA TYR C 105 -4.44 21.23 11.29
C TYR C 105 -5.14 21.04 9.94
N ILE C 106 -5.81 19.90 9.76
CA ILE C 106 -6.47 19.57 8.49
C ILE C 106 -7.52 20.61 8.14
N ASP C 107 -8.32 20.98 9.14
CA ASP C 107 -9.37 21.98 9.02
C ASP C 107 -8.79 23.30 8.57
N PHE C 108 -7.73 23.74 9.26
CA PHE C 108 -6.99 24.95 8.92
C PHE C 108 -6.44 24.93 7.49
N TYR C 109 -5.83 23.82 7.11
CA TYR C 109 -5.21 23.67 5.81
C TYR C 109 -6.23 23.71 4.68
N ASN C 110 -7.36 23.04 4.87
CA ASN C 110 -8.46 23.05 3.90
C ASN C 110 -9.21 24.38 3.80
N ASN C 111 -9.45 25.02 4.94
CA ASN C 111 -10.23 26.26 4.96
C ASN C 111 -9.43 27.55 4.75
N VAL C 112 -8.13 27.52 4.98
CA VAL C 112 -7.29 28.71 4.77
C VAL C 112 -6.36 28.53 3.56
N VAL C 113 -5.38 27.65 3.70
CA VAL C 113 -4.40 27.43 2.65
C VAL C 113 -5.05 26.98 1.34
N LEU C 114 -5.81 25.87 1.38
CA LEU C 114 -6.43 25.33 0.17
C LEU C 114 -7.45 26.26 -0.50
N GLU C 115 -7.82 27.34 0.20
CA GLU C 115 -8.48 28.48 -0.43
C GLU C 115 -7.44 29.36 -1.15
N ASN C 116 -6.71 28.74 -2.09
CA ASN C 116 -5.89 29.45 -3.07
C ASN C 116 -6.57 29.39 -4.45
N LEU C 117 -7.85 29.75 -4.49
CA LEU C 117 -8.64 29.69 -5.72
C LEU C 117 -8.97 31.08 -6.24
N LEU C 124 -0.56 28.63 -8.87
CA LEU C 124 0.68 28.20 -9.50
C LEU C 124 0.59 26.76 -9.98
N SER C 125 0.50 26.57 -11.29
CA SER C 125 0.40 25.24 -11.87
C SER C 125 1.61 24.92 -12.72
N PHE C 126 2.20 23.74 -12.48
CA PHE C 126 3.42 23.32 -13.18
C PHE C 126 3.17 22.65 -14.52
N ASP C 127 4.18 22.71 -15.39
CA ASP C 127 4.19 21.95 -16.64
C ASP C 127 4.58 20.50 -16.36
N ILE C 128 5.29 20.28 -15.25
CA ILE C 128 5.83 18.96 -14.91
C ILE C 128 6.29 18.85 -13.46
N VAL C 129 5.96 17.72 -12.83
CA VAL C 129 6.43 17.41 -11.48
C VAL C 129 7.12 16.04 -11.51
N ILE C 130 8.44 16.06 -11.28
CA ILE C 130 9.28 14.87 -11.40
C ILE C 130 9.33 14.12 -10.07
N TYR C 131 8.75 12.92 -10.06
CA TYR C 131 8.76 12.08 -8.87
C TYR C 131 10.00 11.20 -8.84
N LEU C 132 10.87 11.49 -7.88
CA LEU C 132 12.07 10.68 -7.65
C LEU C 132 11.74 9.56 -6.66
N ARG C 133 11.19 8.47 -7.16
CA ARG C 133 10.91 7.28 -6.35
C ARG C 133 12.21 6.61 -5.87
N VAL C 134 12.29 6.35 -4.57
CA VAL C 134 13.42 5.66 -3.95
C VAL C 134 12.96 4.77 -2.83
N SER C 135 13.77 3.77 -2.52
CA SER C 135 13.64 3.01 -1.30
C SER C 135 14.13 3.85 -0.12
N THR C 136 13.63 3.51 1.06
CA THR C 136 14.06 4.15 2.27
C THR C 136 15.56 3.95 2.53
N LYS C 137 16.06 2.73 2.32
CA LYS C 137 17.48 2.44 2.53
C LYS C 137 18.35 3.35 1.69
N THR C 138 18.05 3.45 0.39
CA THR C 138 18.80 4.30 -0.53
C THR C 138 18.79 5.76 -0.05
N ALA C 139 17.60 6.24 0.32
CA ALA C 139 17.40 7.61 0.82
C ALA C 139 18.19 7.89 2.08
N ILE C 140 18.03 7.02 3.09
CA ILE C 140 18.83 7.08 4.29
C ILE C 140 20.32 7.22 3.97
N SER C 141 20.83 6.39 3.06
CA SER C 141 22.24 6.47 2.69
C SER C 141 22.62 7.81 2.04
N ARG C 142 21.71 8.38 1.25
CA ARG C 142 21.91 9.71 0.69
C ARG C 142 21.81 10.82 1.75
N ILE C 143 21.08 10.58 2.84
CA ILE C 143 21.09 11.47 4.00
C ILE C 143 22.48 11.51 4.63
N LYS C 144 23.09 10.34 4.81
CA LYS C 144 24.41 10.21 5.43
C LYS C 144 25.52 10.92 4.66
N LYS C 145 25.45 10.91 3.33
CA LYS C 145 26.50 11.56 2.53
C LYS C 145 26.20 12.97 2.02
N ARG C 146 24.92 13.30 1.86
CA ARG C 146 24.52 14.59 1.30
C ARG C 146 23.55 15.37 2.17
N GLY C 147 22.80 14.67 3.03
CA GLY C 147 21.79 15.31 3.87
C GLY C 147 22.35 16.17 4.99
N ARG C 148 21.45 16.72 5.79
CA ARG C 148 21.87 17.55 6.91
C ARG C 148 22.04 16.75 8.19
N SER C 149 23.08 17.07 8.96
CA SER C 149 23.45 16.26 10.14
C SER C 149 22.33 16.08 11.13
N GLU C 150 21.44 17.06 11.22
CA GLU C 150 20.29 16.99 12.13
C GLU C 150 19.35 15.85 11.78
N GLU C 151 19.31 15.49 10.49
CA GLU C 151 18.45 14.44 9.99
C GLU C 151 18.87 13.04 10.48
N LEU C 152 20.06 12.95 11.06
CA LEU C 152 20.54 11.69 11.65
C LEU C 152 20.02 11.45 13.06
N LEU C 153 19.40 12.46 13.67
CA LEU C 153 19.02 12.40 15.08
C LEU C 153 17.79 11.55 15.39
N ILE C 154 16.89 11.38 14.42
CA ILE C 154 15.72 10.50 14.64
C ILE C 154 15.98 9.10 14.10
N GLY C 155 15.09 8.16 14.45
CA GLY C 155 15.19 6.77 14.01
C GLY C 155 14.60 6.56 12.62
N GLU C 156 14.87 5.38 12.05
CA GLU C 156 14.44 5.02 10.70
C GLU C 156 12.94 5.09 10.47
N GLU C 157 12.15 4.83 11.52
CA GLU C 157 10.69 4.78 11.40
C GLU C 157 10.14 6.05 10.77
N TYR C 158 10.75 7.17 11.10
CA TYR C 158 10.41 8.45 10.50
C TYR C 158 10.54 8.39 8.98
N TRP C 159 11.72 7.97 8.49
CA TRP C 159 11.98 7.95 7.04
C TRP C 159 11.14 6.90 6.33
N GLU C 160 10.80 5.82 7.03
CA GLU C 160 9.91 4.80 6.48
C GLU C 160 8.48 5.31 6.36
N THR C 161 7.98 5.89 7.45
CA THR C 161 6.65 6.48 7.49
C THR C 161 6.55 7.62 6.49
N LEU C 162 7.62 8.41 6.38
CA LEU C 162 7.62 9.50 5.42
C LEU C 162 7.58 8.98 3.98
N ASN C 163 8.43 7.99 3.68
CA ASN C 163 8.48 7.41 2.34
C ASN C 163 7.16 6.78 1.92
N LYS C 164 6.54 6.05 2.86
CA LYS C 164 5.22 5.45 2.66
C LYS C 164 4.18 6.52 2.30
N ASN C 165 4.17 7.62 3.06
CA ASN C 165 3.26 8.73 2.80
C ASN C 165 3.54 9.51 1.52
N TYR C 166 4.78 9.47 1.04
CA TYR C 166 5.09 10.11 -0.24
C TYR C 166 4.51 9.37 -1.41
N GLU C 167 4.69 8.04 -1.42
CA GLU C 167 4.07 7.19 -2.41
C GLU C 167 2.55 7.37 -2.36
N GLU C 168 2.01 7.50 -1.15
CA GLU C 168 0.59 7.77 -0.97
C GLU C 168 0.13 9.02 -1.71
N PHE C 169 0.75 10.16 -1.38
CA PHE C 169 0.50 11.46 -2.04
C PHE C 169 0.49 11.29 -3.56
N TYR C 170 1.53 10.66 -4.10
CA TYR C 170 1.64 10.41 -5.53
C TYR C 170 0.48 9.58 -6.09
N LYS C 171 0.07 8.53 -5.36
CA LYS C 171 -1.01 7.66 -5.84
C LYS C 171 -2.36 8.37 -5.86
N GLN C 172 -2.61 9.17 -4.83
CA GLN C 172 -3.85 9.94 -4.77
C GLN C 172 -3.86 11.15 -5.71
N ASN C 173 -2.71 11.81 -5.86
CA ASN C 173 -2.55 12.94 -6.80
C ASN C 173 -3.73 13.92 -6.74
N VAL C 174 -4.03 14.34 -5.52
CA VAL C 174 -5.21 15.14 -5.21
C VAL C 174 -5.27 16.47 -5.97
N TYR C 175 -4.10 17.08 -6.22
CA TYR C 175 -4.03 18.38 -6.88
C TYR C 175 -3.77 18.30 -8.39
N ASP C 176 -3.96 17.12 -8.96
CA ASP C 176 -3.80 16.89 -10.40
C ASP C 176 -2.44 17.30 -11.00
N PHE C 177 -1.38 17.15 -10.22
CA PHE C 177 -0.01 17.43 -10.69
C PHE C 177 0.27 16.61 -11.94
N PRO C 178 0.93 17.22 -12.95
CA PRO C 178 1.36 16.42 -14.09
C PRO C 178 2.65 15.67 -13.72
N PHE C 179 2.48 14.50 -13.10
CA PHE C 179 3.60 13.71 -12.61
C PHE C 179 4.37 13.01 -13.71
N PHE C 180 5.69 12.95 -13.53
CA PHE C 180 6.58 12.14 -14.36
C PHE C 180 7.54 11.40 -13.43
N VAL C 181 7.40 10.07 -13.39
CA VAL C 181 8.14 9.26 -12.44
C VAL C 181 9.54 8.94 -12.97
N VAL C 182 10.52 9.03 -12.06
CA VAL C 182 11.90 8.70 -12.36
C VAL C 182 12.46 7.78 -11.27
N ASP C 183 12.96 6.62 -11.69
CA ASP C 183 13.59 5.67 -10.80
C ASP C 183 14.90 6.26 -10.26
N ALA C 184 14.86 6.77 -9.03
CA ALA C 184 16.02 7.46 -8.46
C ALA C 184 17.08 6.51 -7.91
N GLU C 185 16.87 5.21 -8.07
CA GLU C 185 17.87 4.20 -7.72
C GLU C 185 19.01 4.22 -8.71
N LEU C 186 18.72 4.73 -9.90
CA LEU C 186 19.69 4.87 -10.98
C LEU C 186 20.87 5.78 -10.63
N ASP C 187 21.83 5.81 -11.54
CA ASP C 187 22.93 6.77 -11.51
C ASP C 187 22.35 8.15 -11.83
N VAL C 188 22.80 9.17 -11.09
CA VAL C 188 22.40 10.56 -11.35
C VAL C 188 22.44 10.94 -12.83
N LYS C 189 23.56 10.65 -13.50
CA LYS C 189 23.69 10.93 -14.93
C LYS C 189 22.49 10.42 -15.73
N THR C 190 22.00 9.23 -15.38
CA THR C 190 20.91 8.59 -16.11
C THR C 190 19.57 9.28 -15.83
N GLN C 191 19.32 9.57 -14.55
CA GLN C 191 18.15 10.34 -14.14
C GLN C 191 18.07 11.68 -14.89
N ILE C 192 19.20 12.37 -14.99
CA ILE C 192 19.29 13.61 -15.74
C ILE C 192 18.90 13.35 -17.20
N GLU C 193 19.54 12.35 -17.82
CA GLU C 193 19.26 11.97 -19.21
C GLU C 193 17.76 11.75 -19.49
N LEU C 194 17.07 11.07 -18.58
CA LEU C 194 15.64 10.85 -18.73
C LEU C 194 14.85 12.15 -18.56
N ILE C 195 15.25 12.96 -17.59
CA ILE C 195 14.58 14.22 -17.33
C ILE C 195 14.73 15.17 -18.52
N MET C 196 15.96 15.36 -19.00
CA MET C 196 16.22 16.25 -20.13
C MET C 196 15.46 15.81 -21.37
N ASN C 197 15.41 14.51 -21.62
CA ASN C 197 14.67 13.95 -22.75
C ASN C 197 13.17 14.12 -22.64
N LYS C 198 12.66 14.12 -21.42
CA LYS C 198 11.25 14.37 -21.18
C LYS C 198 10.93 15.83 -21.48
N LEU C 199 11.61 16.74 -20.77
CA LEU C 199 11.45 18.19 -20.94
C LEU C 199 11.47 18.66 -22.40
N ASN C 200 12.09 17.85 -23.26
CA ASN C 200 12.12 18.11 -24.70
C ASN C 200 10.82 17.79 -25.43
N SER C 201 9.70 17.94 -24.73
CA SER C 201 8.37 17.72 -25.31
C SER C 201 7.27 18.29 -24.41
N MET D 2 -25.70 46.59 4.44
CA MET D 2 -25.32 46.99 5.83
C MET D 2 -24.57 45.87 6.54
N LYS D 3 -23.25 45.99 6.56
CA LYS D 3 -22.40 45.01 7.23
C LYS D 3 -21.84 45.60 8.53
N ILE D 4 -22.25 45.02 9.67
CA ILE D 4 -21.92 45.55 10.98
C ILE D 4 -20.93 44.65 11.73
N ALA D 5 -19.84 45.25 12.22
CA ALA D 5 -18.88 44.54 13.06
C ALA D 5 -18.88 45.12 14.49
N ILE D 6 -18.71 44.24 15.47
CA ILE D 6 -18.76 44.66 16.87
C ILE D 6 -17.48 44.24 17.58
N PHE D 7 -16.77 45.26 18.05
CA PHE D 7 -15.35 45.19 18.34
C PHE D 7 -15.10 45.62 19.79
N GLY D 8 -14.34 44.83 20.53
CA GLY D 8 -14.00 45.14 21.92
C GLY D 8 -13.30 43.99 22.64
N THR D 9 -12.77 44.28 23.82
CA THR D 9 -12.11 43.27 24.65
C THR D 9 -13.10 42.26 25.20
N VAL D 10 -12.57 41.27 25.91
CA VAL D 10 -13.37 40.23 26.55
C VAL D 10 -14.15 40.87 27.70
N GLY D 11 -15.46 40.65 27.71
CA GLY D 11 -16.33 41.25 28.72
C GLY D 11 -16.74 42.68 28.41
N ALA D 12 -16.61 43.09 27.15
CA ALA D 12 -17.05 44.40 26.71
C ALA D 12 -18.56 44.45 26.49
N GLY D 13 -19.14 43.27 26.27
CA GLY D 13 -20.59 43.12 26.10
C GLY D 13 -20.99 42.98 24.65
N LYS D 14 -20.11 42.40 23.85
CA LYS D 14 -20.33 42.22 22.41
C LYS D 14 -21.46 41.26 22.11
N SER D 15 -21.58 40.21 22.94
CA SER D 15 -22.59 39.19 22.71
C SER D 15 -23.99 39.73 23.00
N THR D 16 -24.12 40.51 24.08
CA THR D 16 -25.40 41.13 24.43
C THR D 16 -25.82 42.14 23.36
N ILE D 17 -24.86 42.91 22.87
CA ILE D 17 -25.15 43.96 21.91
C ILE D 17 -25.45 43.44 20.51
N SER D 18 -24.66 42.47 20.03
CA SER D 18 -24.92 41.85 18.72
C SER D 18 -26.24 41.06 18.66
N ALA D 19 -26.66 40.50 19.79
CA ALA D 19 -27.95 39.81 19.87
C ALA D 19 -29.12 40.79 19.82
N GLU D 20 -28.92 41.96 20.43
CA GLU D 20 -29.94 43.00 20.45
C GLU D 20 -30.08 43.70 19.10
N ILE D 21 -28.97 43.94 18.41
CA ILE D 21 -28.99 44.52 17.09
C ILE D 21 -29.67 43.58 16.09
N SER D 22 -29.33 42.29 16.19
CA SER D 22 -29.91 41.23 15.37
C SER D 22 -31.41 41.06 15.58
N LYS D 23 -31.86 41.25 16.83
CA LYS D 23 -33.28 41.28 17.15
C LYS D 23 -33.99 42.33 16.30
N LYS D 24 -33.49 43.57 16.37
CA LYS D 24 -34.12 44.72 15.73
C LYS D 24 -34.05 44.73 14.20
N LEU D 25 -33.03 44.09 13.63
CA LEU D 25 -32.82 44.13 12.18
C LEU D 25 -32.94 42.77 11.49
N GLY D 26 -32.83 41.69 12.26
CA GLY D 26 -32.97 40.33 11.74
C GLY D 26 -31.79 39.77 10.96
N TYR D 27 -30.59 40.33 11.18
CA TYR D 27 -29.38 39.87 10.48
C TYR D 27 -28.72 38.69 11.20
N GLU D 28 -28.08 37.82 10.42
CA GLU D 28 -27.32 36.70 10.98
C GLU D 28 -26.19 37.19 11.90
N ILE D 29 -26.02 36.52 13.03
CA ILE D 29 -24.84 36.74 13.88
C ILE D 29 -23.81 35.66 13.61
N PHE D 30 -22.56 36.08 13.44
CA PHE D 30 -21.45 35.16 13.41
C PHE D 30 -20.68 35.27 14.72
N LYS D 31 -21.03 34.40 15.66
CA LYS D 31 -20.28 34.23 16.91
C LYS D 31 -19.30 33.08 16.74
N GLU D 32 -18.08 33.31 17.22
CA GLU D 32 -16.99 32.34 17.13
C GLU D 32 -17.28 31.10 17.96
N PRO D 33 -16.85 29.91 17.48
CA PRO D 33 -16.90 28.72 18.33
C PRO D 33 -16.21 28.96 19.68
N VAL D 34 -16.98 28.78 20.77
CA VAL D 34 -16.47 28.90 22.14
C VAL D 34 -16.78 27.61 22.88
N GLU D 35 -17.98 27.07 22.65
CA GLU D 35 -18.40 25.78 23.20
C GLU D 35 -17.75 24.63 22.45
N GLU D 36 -17.52 24.84 21.14
CA GLU D 36 -16.93 23.80 20.30
C GLU D 36 -15.40 23.91 20.24
N ASN D 37 -14.82 24.80 21.03
CA ASN D 37 -13.38 25.00 21.05
C ASN D 37 -12.72 24.09 22.07
N PRO D 38 -11.94 23.10 21.57
CA PRO D 38 -11.36 22.06 22.43
C PRO D 38 -10.16 22.54 23.25
N TYR D 39 -9.63 23.72 22.92
CA TYR D 39 -8.48 24.23 23.64
C TYR D 39 -8.91 25.23 24.71
N PHE D 40 -10.19 25.60 24.71
CA PHE D 40 -10.67 26.68 25.56
C PHE D 40 -10.21 26.56 27.02
N GLU D 41 -10.50 25.42 27.64
CA GLU D 41 -10.16 25.18 29.05
C GLU D 41 -8.65 25.10 29.28
N GLN D 42 -7.94 24.38 28.41
CA GLN D 42 -6.50 24.26 28.51
C GLN D 42 -5.81 25.62 28.45
N TYR D 43 -6.19 26.43 27.45
CA TYR D 43 -5.58 27.72 27.19
C TYR D 43 -5.50 28.62 28.42
N TYR D 44 -6.56 28.66 29.23
CA TYR D 44 -6.54 29.50 30.44
C TYR D 44 -5.75 28.84 31.59
N LYS D 45 -5.69 27.50 31.58
CA LYS D 45 -4.95 26.77 32.62
C LYS D 45 -3.45 26.89 32.43
N ASP D 46 -3.03 26.88 31.16
CA ASP D 46 -1.62 26.94 30.78
C ASP D 46 -1.52 27.57 29.39
N LEU D 47 -1.36 28.90 29.38
CA LEU D 47 -1.29 29.70 28.15
C LEU D 47 -0.11 29.32 27.28
N LYS D 48 1.07 29.15 27.89
CA LYS D 48 2.32 28.88 27.18
C LYS D 48 2.26 27.69 26.23
N LYS D 49 1.78 26.57 26.73
CA LYS D 49 1.73 25.32 25.96
C LYS D 49 0.60 25.27 24.94
N THR D 50 -0.26 26.30 24.95
CA THR D 50 -1.52 26.24 24.21
C THR D 50 -1.74 27.35 23.17
N VAL D 51 -1.11 28.51 23.36
CA VAL D 51 -1.31 29.68 22.47
C VAL D 51 -1.43 29.35 20.98
N PHE D 52 -0.42 28.68 20.44
CA PHE D 52 -0.36 28.43 19.00
C PHE D 52 -1.51 27.55 18.53
N LYS D 53 -1.82 26.50 19.28
CA LYS D 53 -2.97 25.65 19.00
C LYS D 53 -4.24 26.49 18.95
N MET D 54 -4.40 27.36 19.96
CA MET D 54 -5.54 28.24 20.10
C MET D 54 -5.74 29.17 18.88
N GLN D 55 -4.68 29.83 18.46
CA GLN D 55 -4.72 30.76 17.33
C GLN D 55 -5.19 30.07 16.06
N ILE D 56 -4.56 28.94 15.77
CA ILE D 56 -4.81 28.20 14.55
C ILE D 56 -6.27 27.81 14.50
N TYR D 57 -6.82 27.43 15.64
CA TYR D 57 -8.24 27.11 15.71
C TYR D 57 -9.07 28.33 15.34
N MET D 58 -8.72 29.45 15.96
CA MET D 58 -9.47 30.69 15.83
C MET D 58 -9.43 31.22 14.41
N LEU D 59 -8.26 31.15 13.77
CA LEU D 59 -8.10 31.59 12.38
C LEU D 59 -8.97 30.77 11.45
N THR D 60 -9.02 29.47 11.73
CA THR D 60 -9.81 28.53 10.94
C THR D 60 -11.28 28.91 11.06
N ALA D 61 -11.70 29.30 12.26
CA ALA D 61 -13.07 29.70 12.51
C ALA D 61 -13.43 30.99 11.77
N ARG D 62 -12.60 32.01 11.87
CA ARG D 62 -12.82 33.30 11.17
C ARG D 62 -12.91 33.10 9.65
N SER D 63 -12.00 32.30 9.11
CA SER D 63 -11.97 32.05 7.67
C SER D 63 -13.24 31.36 7.21
N LYS D 64 -13.70 30.37 7.98
CA LYS D 64 -14.97 29.67 7.71
C LYS D 64 -16.12 30.68 7.70
N GLN D 65 -16.19 31.49 8.75
CA GLN D 65 -17.20 32.54 8.85
C GLN D 65 -17.17 33.45 7.62
N LEU D 66 -15.99 33.95 7.29
CA LEU D 66 -15.82 34.83 6.14
C LEU D 66 -16.35 34.21 4.83
N LYS D 67 -16.14 32.91 4.66
CA LYS D 67 -16.58 32.21 3.45
C LYS D 67 -18.10 32.14 3.34
N GLN D 68 -18.77 31.77 4.44
CA GLN D 68 -20.23 31.59 4.44
C GLN D 68 -21.00 32.92 4.46
N ALA D 69 -20.28 34.02 4.73
CA ALA D 69 -20.88 35.35 4.84
C ALA D 69 -20.73 36.21 3.58
N LYS D 70 -19.87 35.78 2.66
CA LYS D 70 -19.58 36.55 1.43
C LYS D 70 -20.79 36.80 0.54
N ASN D 71 -21.61 35.76 0.33
CA ASN D 71 -22.83 35.91 -0.46
C ASN D 71 -23.94 36.69 0.23
N LEU D 72 -23.90 36.69 1.56
CA LEU D 72 -24.93 37.34 2.38
C LEU D 72 -24.94 38.85 2.24
N GLU D 73 -26.15 39.40 2.21
CA GLU D 73 -26.37 40.83 2.07
C GLU D 73 -26.01 41.56 3.38
N ASN D 74 -26.85 41.39 4.41
CA ASN D 74 -26.68 42.07 5.70
C ASN D 74 -26.16 41.14 6.80
N ILE D 75 -25.04 41.49 7.41
CA ILE D 75 -24.40 40.64 8.41
C ILE D 75 -23.96 41.38 9.68
N ILE D 76 -23.94 40.65 10.80
CA ILE D 76 -23.36 41.15 12.05
C ILE D 76 -22.25 40.22 12.51
N PHE D 77 -21.08 40.80 12.77
CA PHE D 77 -19.93 40.05 13.26
C PHE D 77 -19.58 40.41 14.70
N ASP D 78 -19.72 39.42 15.59
CA ASP D 78 -19.25 39.53 16.96
C ASP D 78 -17.75 39.22 16.93
N ARG D 79 -16.97 40.29 16.81
CA ARG D 79 -15.50 40.24 16.59
C ARG D 79 -15.12 40.02 15.12
N THR D 80 -14.18 40.82 14.63
CA THR D 80 -13.74 40.75 13.25
C THR D 80 -12.65 39.71 13.08
N LEU D 81 -12.30 39.47 11.82
CA LEU D 81 -11.31 38.48 11.43
C LEU D 81 -9.87 38.92 11.72
N LEU D 82 -9.71 40.20 12.05
CA LEU D 82 -8.40 40.86 12.11
C LEU D 82 -7.95 41.21 13.52
N GLU D 83 -8.56 40.58 14.52
CA GLU D 83 -8.28 40.92 15.92
C GLU D 83 -7.47 39.87 16.67
N ASP D 84 -7.21 38.73 16.03
CA ASP D 84 -6.44 37.66 16.64
C ASP D 84 -4.98 38.02 17.03
N PRO D 85 -4.26 38.80 16.18
CA PRO D 85 -2.96 39.33 16.58
C PRO D 85 -2.96 40.04 17.93
N ILE D 86 -4.05 40.74 18.26
CA ILE D 86 -4.15 41.41 19.57
C ILE D 86 -3.85 40.45 20.72
N PHE D 87 -4.42 39.24 20.66
CA PHE D 87 -4.23 38.25 21.70
C PHE D 87 -2.79 37.75 21.79
N MET D 88 -2.16 37.60 20.62
CA MET D 88 -0.77 37.13 20.56
C MET D 88 0.17 38.17 21.14
N LYS D 89 -0.04 39.41 20.72
CA LYS D 89 0.68 40.56 21.27
C LYS D 89 0.59 40.58 22.80
N VAL D 90 -0.54 40.15 23.36
CA VAL D 90 -0.72 40.12 24.81
C VAL D 90 0.19 39.04 25.43
N ASN D 91 0.17 37.84 24.86
CA ASN D 91 0.99 36.75 25.35
C ASN D 91 2.49 37.04 25.21
N TYR D 92 2.86 37.75 24.14
CA TYR D 92 4.21 38.26 23.96
C TYR D 92 4.61 39.20 25.11
N ASP D 93 3.78 40.21 25.37
CA ASP D 93 4.07 41.22 26.40
C ASP D 93 4.22 40.67 27.80
N LEU D 94 3.55 39.55 28.08
CA LEU D 94 3.63 38.90 29.38
C LEU D 94 4.65 37.77 29.37
N ASN D 95 5.48 37.76 28.32
CA ASN D 95 6.49 36.71 28.10
C ASN D 95 5.92 35.28 28.17
N ASN D 96 4.73 35.08 27.63
CA ASN D 96 4.18 33.73 27.46
C ASN D 96 4.62 33.16 26.12
N VAL D 97 5.12 34.04 25.26
CA VAL D 97 5.65 33.70 23.96
C VAL D 97 6.99 34.42 23.78
N ASP D 98 8.03 33.68 23.40
CA ASP D 98 9.36 34.25 23.23
C ASP D 98 9.47 35.05 21.93
N GLN D 99 10.60 35.72 21.75
CA GLN D 99 10.86 36.50 20.53
C GLN D 99 10.65 35.71 19.24
N THR D 100 11.31 34.57 19.13
CA THR D 100 11.28 33.76 17.92
C THR D 100 9.85 33.37 17.50
N ASP D 101 9.12 32.73 18.41
CA ASP D 101 7.75 32.30 18.15
C ASP D 101 6.82 33.47 17.72
N TYR D 102 6.98 34.63 18.38
CA TYR D 102 6.21 35.81 18.00
C TYR D 102 6.53 36.24 16.58
N ASN D 103 7.82 36.33 16.27
CA ASN D 103 8.31 36.55 14.92
C ASN D 103 7.75 35.56 13.91
N THR D 104 7.70 34.28 14.30
CA THR D 104 7.11 33.26 13.45
C THR D 104 5.62 33.56 13.24
N TYR D 105 4.94 33.92 14.32
CA TYR D 105 3.50 34.20 14.24
C TYR D 105 3.11 35.37 13.34
N ILE D 106 3.70 36.55 13.56
CA ILE D 106 3.36 37.71 12.76
C ILE D 106 3.70 37.55 11.29
N ASP D 107 4.89 37.03 11.02
CA ASP D 107 5.32 36.70 9.66
C ASP D 107 4.32 35.76 8.99
N PHE D 108 3.80 34.81 9.78
CA PHE D 108 2.81 33.88 9.30
C PHE D 108 1.47 34.56 9.02
N TYR D 109 0.95 35.23 10.05
CA TYR D 109 -0.37 35.85 9.99
C TYR D 109 -0.48 36.88 8.86
N ASN D 110 0.60 37.60 8.61
CA ASN D 110 0.61 38.62 7.56
C ASN D 110 0.65 38.09 6.14
N ASN D 111 1.42 37.04 5.90
CA ASN D 111 1.60 36.51 4.54
C ASN D 111 0.64 35.39 4.17
N VAL D 112 0.23 34.61 5.17
CA VAL D 112 -0.67 33.48 4.96
C VAL D 112 -2.14 33.91 5.09
N VAL D 113 -2.45 34.61 6.18
CA VAL D 113 -3.83 34.99 6.50
C VAL D 113 -4.27 36.30 5.84
N LEU D 114 -3.47 37.37 5.98
CA LEU D 114 -3.79 38.64 5.33
C LEU D 114 -3.53 38.62 3.81
N GLU D 115 -4.17 37.67 3.11
CA GLU D 115 -4.09 37.51 1.66
C GLU D 115 -5.27 38.19 0.94
N ASN D 116 -6.04 39.00 1.67
CA ASN D 116 -7.24 39.65 1.16
C ASN D 116 -7.02 40.55 -0.07
N LEU D 117 -7.22 39.97 -1.26
CA LEU D 117 -7.05 40.67 -2.52
C LEU D 117 -8.28 40.53 -3.42
N PHE D 126 -16.44 46.15 5.61
CA PHE D 126 -17.40 46.57 6.64
C PHE D 126 -17.87 48.02 6.48
N ASP D 127 -19.16 48.24 6.74
CA ASP D 127 -19.74 49.59 6.73
C ASP D 127 -19.54 50.30 8.06
N ILE D 128 -19.48 49.53 9.14
CA ILE D 128 -19.29 50.07 10.49
C ILE D 128 -18.67 49.03 11.44
N VAL D 129 -17.63 49.45 12.15
CA VAL D 129 -17.05 48.65 13.23
C VAL D 129 -17.28 49.39 14.54
N ILE D 130 -18.22 48.86 15.33
CA ILE D 130 -18.63 49.48 16.58
C ILE D 130 -17.66 49.09 17.67
N TYR D 131 -17.02 50.07 18.29
CA TYR D 131 -16.07 49.81 19.36
C TYR D 131 -16.76 50.02 20.69
N LEU D 132 -16.90 48.93 21.44
CA LEU D 132 -17.45 48.99 22.79
C LEU D 132 -16.30 49.19 23.75
N ARG D 133 -16.06 50.45 24.11
CA ARG D 133 -14.91 50.86 24.89
C ARG D 133 -15.23 50.83 26.38
N VAL D 134 -14.45 50.07 27.14
CA VAL D 134 -14.68 49.87 28.57
C VAL D 134 -13.39 49.97 29.36
N SER D 135 -13.51 50.32 30.64
CA SER D 135 -12.40 50.18 31.57
C SER D 135 -12.18 48.70 31.89
N THR D 136 -10.96 48.35 32.28
CA THR D 136 -10.62 46.98 32.65
C THR D 136 -11.49 46.51 33.82
N LYS D 137 -11.57 47.33 34.87
CA LYS D 137 -12.33 47.01 36.07
C LYS D 137 -13.80 46.63 35.83
N THR D 138 -14.40 47.19 34.78
CA THR D 138 -15.79 46.90 34.41
C THR D 138 -15.89 45.60 33.62
N ALA D 139 -14.98 45.41 32.66
CA ALA D 139 -14.88 44.18 31.87
C ALA D 139 -14.66 42.95 32.73
N ILE D 140 -13.79 43.06 33.74
CA ILE D 140 -13.49 41.98 34.67
C ILE D 140 -14.75 41.50 35.40
N SER D 141 -15.53 42.43 35.93
CA SER D 141 -16.74 42.09 36.68
C SER D 141 -17.83 41.55 35.75
N ARG D 142 -17.79 41.95 34.48
CA ARG D 142 -18.68 41.38 33.46
C ARG D 142 -18.32 39.93 33.12
N ILE D 143 -17.02 39.63 33.15
CA ILE D 143 -16.54 38.26 33.04
C ILE D 143 -17.03 37.49 34.26
N LYS D 144 -16.84 38.08 35.44
CA LYS D 144 -17.27 37.46 36.70
C LYS D 144 -18.78 37.21 36.77
N LYS D 145 -19.55 38.07 36.11
CA LYS D 145 -21.01 37.94 36.10
C LYS D 145 -21.56 37.11 34.94
N ARG D 146 -21.14 37.42 33.71
CA ARG D 146 -21.75 36.83 32.52
C ARG D 146 -20.79 36.20 31.51
N GLY D 147 -19.49 36.16 31.84
CA GLY D 147 -18.48 35.59 30.95
C GLY D 147 -18.55 34.07 30.86
N ARG D 148 -17.38 33.43 30.94
CA ARG D 148 -17.27 31.98 30.92
C ARG D 148 -16.30 31.53 32.01
N SER D 149 -16.78 30.69 32.93
CA SER D 149 -16.00 30.26 34.11
C SER D 149 -14.50 29.94 33.92
N GLU D 150 -14.10 29.48 32.72
CA GLU D 150 -12.67 29.26 32.41
C GLU D 150 -11.84 30.56 32.37
N GLU D 151 -12.51 31.67 32.09
CA GLU D 151 -11.87 33.00 32.05
C GLU D 151 -11.51 33.49 33.47
N LEU D 152 -12.07 32.83 34.48
CA LEU D 152 -11.80 33.17 35.88
C LEU D 152 -10.49 32.56 36.38
N LEU D 153 -9.74 31.93 35.48
CA LEU D 153 -8.56 31.14 35.88
C LEU D 153 -7.22 31.90 35.88
N ILE D 154 -6.99 32.74 34.88
CA ILE D 154 -5.79 33.58 34.85
C ILE D 154 -5.98 34.85 35.68
N GLY D 155 -4.88 35.56 35.93
CA GLY D 155 -4.89 36.78 36.74
C GLY D 155 -5.43 38.01 36.05
N GLU D 156 -5.64 39.06 36.84
CA GLU D 156 -6.15 40.36 36.37
C GLU D 156 -5.24 40.98 35.32
N GLU D 157 -3.95 40.80 35.51
CA GLU D 157 -2.89 41.25 34.62
C GLU D 157 -3.17 40.96 33.14
N TYR D 158 -3.76 39.81 32.86
CA TYR D 158 -4.09 39.39 31.50
C TYR D 158 -5.07 40.36 30.85
N TRP D 159 -6.16 40.66 31.55
CA TRP D 159 -7.21 41.56 31.07
C TRP D 159 -6.75 43.02 30.96
N GLU D 160 -5.90 43.44 31.90
CA GLU D 160 -5.25 44.75 31.85
C GLU D 160 -4.54 44.98 30.52
N THR D 161 -3.69 44.01 30.16
CA THR D 161 -2.87 44.08 28.96
C THR D 161 -3.73 43.98 27.68
N LEU D 162 -4.80 43.20 27.75
CA LEU D 162 -5.67 43.00 26.58
C LEU D 162 -6.45 44.25 26.25
N ASN D 163 -6.90 44.96 27.29
CA ASN D 163 -7.64 46.20 27.10
C ASN D 163 -6.71 47.25 26.54
N LYS D 164 -5.55 47.39 27.19
CA LYS D 164 -4.47 48.25 26.73
C LYS D 164 -4.18 48.02 25.25
N ASN D 165 -4.08 46.75 24.86
CA ASN D 165 -3.83 46.41 23.46
C ASN D 165 -5.04 46.56 22.53
N TYR D 166 -6.25 46.49 23.08
CA TYR D 166 -7.44 46.84 22.30
C TYR D 166 -7.46 48.31 21.93
N GLU D 167 -7.18 49.17 22.93
CA GLU D 167 -7.08 50.61 22.71
C GLU D 167 -6.02 50.92 21.66
N GLU D 168 -4.85 50.30 21.85
CA GLU D 168 -3.73 50.44 20.93
C GLU D 168 -4.17 50.15 19.49
N PHE D 169 -4.87 49.03 19.29
CA PHE D 169 -5.36 48.63 17.97
C PHE D 169 -6.27 49.70 17.37
N TYR D 170 -7.20 50.19 18.17
CA TYR D 170 -8.14 51.24 17.75
C TYR D 170 -7.44 52.54 17.36
N LYS D 171 -6.51 53.00 18.21
CA LYS D 171 -5.81 54.26 17.95
C LYS D 171 -4.97 54.19 16.68
N GLN D 172 -4.28 53.07 16.48
CA GLN D 172 -3.50 52.86 15.28
C GLN D 172 -4.35 52.55 14.05
N ASN D 173 -5.55 52.00 14.28
CA ASN D 173 -6.52 51.67 13.23
C ASN D 173 -5.86 51.21 11.93
N VAL D 174 -4.95 50.24 12.06
CA VAL D 174 -4.12 49.76 10.95
C VAL D 174 -4.91 49.48 9.67
N TYR D 175 -6.12 48.90 9.80
CA TYR D 175 -6.89 48.45 8.64
C TYR D 175 -7.92 49.48 8.14
N ASP D 176 -7.83 50.69 8.70
CA ASP D 176 -8.67 51.83 8.34
C ASP D 176 -10.17 51.52 8.43
N PHE D 177 -10.54 50.85 9.52
CA PHE D 177 -11.93 50.53 9.81
C PHE D 177 -12.76 51.81 9.93
N PRO D 178 -14.02 51.77 9.46
CA PRO D 178 -14.98 52.81 9.86
C PRO D 178 -15.38 52.62 11.34
N PHE D 179 -14.62 53.24 12.24
CA PHE D 179 -14.84 53.09 13.66
C PHE D 179 -15.95 53.98 14.21
N PHE D 180 -16.79 53.42 15.07
CA PHE D 180 -17.79 54.19 15.82
C PHE D 180 -17.71 53.86 17.31
N VAL D 181 -17.46 54.88 18.12
CA VAL D 181 -17.19 54.68 19.54
C VAL D 181 -18.44 54.82 20.44
N VAL D 182 -18.72 53.74 21.17
CA VAL D 182 -19.83 53.68 22.12
C VAL D 182 -19.24 53.55 23.53
N ASP D 183 -19.75 54.35 24.47
CA ASP D 183 -19.28 54.28 25.85
C ASP D 183 -19.91 53.07 26.57
N ALA D 184 -19.23 51.92 26.50
CA ALA D 184 -19.77 50.68 27.05
C ALA D 184 -19.84 50.61 28.58
N GLU D 185 -19.63 51.75 29.24
CA GLU D 185 -19.86 51.86 30.68
C GLU D 185 -21.32 52.16 30.95
N LEU D 186 -21.98 52.74 29.95
CA LEU D 186 -23.43 52.99 29.99
C LEU D 186 -24.12 51.64 29.98
N ASP D 187 -25.34 51.56 30.48
CA ASP D 187 -26.06 50.29 30.48
C ASP D 187 -26.55 49.92 29.08
N VAL D 188 -26.98 48.67 28.93
CA VAL D 188 -27.28 48.08 27.62
C VAL D 188 -28.28 48.89 26.79
N LYS D 189 -29.36 49.34 27.43
CA LYS D 189 -30.38 50.17 26.78
C LYS D 189 -29.76 51.38 26.04
N THR D 190 -28.89 52.13 26.73
CA THR D 190 -28.34 53.36 26.16
C THR D 190 -27.44 53.10 24.96
N GLN D 191 -26.54 52.14 25.08
CA GLN D 191 -25.66 51.75 23.98
C GLN D 191 -26.45 51.47 22.71
N ILE D 192 -27.43 50.56 22.81
CA ILE D 192 -28.33 50.23 21.69
C ILE D 192 -28.92 51.46 20.99
N GLU D 193 -29.33 52.46 21.76
CA GLU D 193 -29.93 53.69 21.21
C GLU D 193 -28.98 54.45 20.30
N LEU D 194 -27.84 54.85 20.86
CA LEU D 194 -26.83 55.60 20.11
C LEU D 194 -26.38 54.83 18.87
N ILE D 195 -26.38 53.50 18.97
CA ILE D 195 -26.04 52.61 17.86
C ILE D 195 -27.11 52.68 16.77
N MET D 196 -28.36 52.44 17.16
CA MET D 196 -29.50 52.49 16.24
C MET D 196 -29.73 53.87 15.62
N ASN D 197 -29.37 54.91 16.37
CA ASN D 197 -29.42 56.28 15.85
C ASN D 197 -28.33 56.53 14.82
N LYS D 198 -27.17 55.92 15.02
CA LYS D 198 -26.04 56.06 14.10
C LYS D 198 -26.26 55.25 12.83
N LEU D 199 -26.78 54.04 12.98
CA LEU D 199 -27.10 53.15 11.86
C LEU D 199 -28.15 53.73 10.90
N ASN D 200 -28.98 54.62 11.43
CA ASN D 200 -30.00 55.31 10.64
C ASN D 200 -29.44 56.37 9.70
N SER D 201 -28.15 56.25 9.38
CA SER D 201 -27.47 57.13 8.42
C SER D 201 -26.19 56.48 7.90
N MET E 2 39.39 8.92 -36.66
CA MET E 2 40.54 8.27 -35.95
C MET E 2 40.12 7.76 -34.57
N LYS E 3 39.86 6.45 -34.47
CA LYS E 3 39.49 5.83 -33.20
C LYS E 3 40.61 4.91 -32.71
N ILE E 4 41.17 5.24 -31.56
CA ILE E 4 42.35 4.57 -31.02
C ILE E 4 42.04 3.80 -29.74
N ALA E 5 42.54 2.57 -29.67
CA ALA E 5 42.46 1.77 -28.46
C ALA E 5 43.85 1.37 -28.01
N ILE E 6 44.09 1.42 -26.71
CA ILE E 6 45.37 1.00 -26.14
C ILE E 6 45.12 -0.19 -25.23
N PHE E 7 45.86 -1.26 -25.51
CA PHE E 7 45.53 -2.62 -25.09
C PHE E 7 46.74 -3.25 -24.41
N GLY E 8 46.50 -3.97 -23.31
CA GLY E 8 47.58 -4.60 -22.59
C GLY E 8 47.26 -4.89 -21.15
N THR E 9 48.12 -5.67 -20.51
CA THR E 9 47.99 -6.04 -19.11
C THR E 9 48.23 -4.85 -18.17
N VAL E 10 47.96 -5.07 -16.88
CA VAL E 10 48.15 -4.05 -15.84
C VAL E 10 49.64 -3.80 -15.68
N GLY E 11 50.02 -2.53 -15.62
CA GLY E 11 51.41 -2.13 -15.52
C GLY E 11 52.16 -2.15 -16.84
N ALA E 12 51.43 -2.10 -17.96
CA ALA E 12 52.05 -2.04 -19.29
C ALA E 12 52.43 -0.62 -19.68
N GLY E 13 51.82 0.35 -19.01
CA GLY E 13 52.02 1.76 -19.31
C GLY E 13 50.93 2.41 -20.15
N LYS E 14 49.77 1.77 -20.21
CA LYS E 14 48.63 2.25 -21.02
C LYS E 14 48.26 3.69 -20.69
N SER E 15 48.27 4.01 -19.39
CA SER E 15 47.92 5.35 -18.92
C SER E 15 48.96 6.37 -19.34
N THR E 16 50.23 6.10 -19.04
CA THR E 16 51.33 6.99 -19.40
C THR E 16 51.44 7.23 -20.92
N ILE E 17 51.10 6.23 -21.71
CA ILE E 17 51.09 6.34 -23.18
C ILE E 17 49.91 7.16 -23.69
N SER E 18 48.69 6.86 -23.20
CA SER E 18 47.50 7.58 -23.66
C SER E 18 47.54 9.05 -23.26
N ALA E 19 48.03 9.31 -22.04
CA ALA E 19 48.22 10.68 -21.56
C ALA E 19 49.31 11.44 -22.32
N GLU E 20 50.14 10.72 -23.06
CA GLU E 20 51.07 11.33 -24.00
C GLU E 20 50.38 11.66 -25.32
N ILE E 21 49.83 10.64 -25.95
CA ILE E 21 49.16 10.82 -27.26
C ILE E 21 48.10 11.93 -27.20
N SER E 22 47.42 12.05 -26.07
CA SER E 22 46.41 13.07 -25.87
C SER E 22 47.02 14.47 -25.86
N LYS E 23 48.19 14.60 -25.22
CA LYS E 23 48.93 15.87 -25.17
C LYS E 23 49.55 16.26 -26.51
N LYS E 24 49.27 15.49 -27.55
CA LYS E 24 49.82 15.74 -28.88
C LYS E 24 48.77 15.87 -29.97
N LEU E 25 47.69 15.11 -29.84
CA LEU E 25 46.61 15.13 -30.84
C LEU E 25 45.35 15.88 -30.39
N GLY E 26 45.17 16.03 -29.09
CA GLY E 26 44.01 16.72 -28.53
C GLY E 26 42.73 15.90 -28.60
N TYR E 27 42.88 14.57 -28.51
CA TYR E 27 41.72 13.67 -28.44
C TYR E 27 41.36 13.41 -26.98
N GLU E 28 40.06 13.41 -26.68
CA GLU E 28 39.58 13.10 -25.33
C GLU E 28 39.85 11.64 -24.99
N ILE E 29 40.45 11.40 -23.82
CA ILE E 29 40.71 10.03 -23.36
C ILE E 29 39.52 9.50 -22.59
N PHE E 30 39.28 8.19 -22.71
CA PHE E 30 38.33 7.49 -21.85
C PHE E 30 39.00 6.44 -20.98
N LYS E 31 38.99 6.71 -19.67
CA LYS E 31 39.55 5.81 -18.67
C LYS E 31 38.42 5.04 -17.98
N GLU E 32 38.73 3.82 -17.56
CA GLU E 32 37.81 2.98 -16.80
C GLU E 32 37.71 3.52 -15.37
N PRO E 33 36.55 3.34 -14.71
CA PRO E 33 36.49 3.68 -13.30
C PRO E 33 37.44 2.83 -12.45
N VAL E 34 38.25 3.51 -11.65
CA VAL E 34 39.13 2.90 -10.67
C VAL E 34 38.92 3.70 -9.39
N GLU E 35 38.73 5.00 -9.55
CA GLU E 35 38.42 5.92 -8.45
C GLU E 35 36.99 5.71 -7.95
N GLU E 36 36.04 5.78 -8.88
CA GLU E 36 34.61 5.69 -8.58
C GLU E 36 34.15 4.24 -8.37
N ASN E 37 35.06 3.29 -8.58
CA ASN E 37 34.81 1.87 -8.40
C ASN E 37 34.80 1.46 -6.93
N PRO E 38 33.62 1.06 -6.40
CA PRO E 38 33.51 0.77 -4.96
C PRO E 38 33.99 -0.63 -4.59
N TYR E 39 34.28 -1.45 -5.59
CA TYR E 39 34.71 -2.83 -5.37
C TYR E 39 36.23 -3.01 -5.45
N PHE E 40 36.94 -1.92 -5.72
CA PHE E 40 38.36 -2.00 -6.04
C PHE E 40 39.25 -2.42 -4.87
N GLU E 41 39.03 -1.83 -3.71
CA GLU E 41 39.80 -2.18 -2.51
C GLU E 41 39.54 -3.64 -2.12
N GLN E 42 38.28 -4.05 -2.13
CA GLN E 42 37.88 -5.41 -1.72
C GLN E 42 38.33 -6.49 -2.71
N TYR E 43 38.39 -6.14 -3.99
CA TYR E 43 38.75 -7.09 -5.03
C TYR E 43 40.12 -7.73 -4.80
N TYR E 44 41.11 -6.92 -4.46
CA TYR E 44 42.46 -7.42 -4.29
C TYR E 44 42.73 -8.07 -2.92
N LYS E 45 41.89 -7.74 -1.94
CA LYS E 45 41.97 -8.39 -0.62
C LYS E 45 41.33 -9.78 -0.62
N ASP E 46 40.30 -9.95 -1.43
CA ASP E 46 39.57 -11.23 -1.56
C ASP E 46 38.93 -11.31 -2.94
N LEU E 47 39.68 -11.84 -3.91
CA LEU E 47 39.15 -12.02 -5.25
C LEU E 47 37.85 -12.82 -5.20
N LYS E 48 37.89 -14.02 -4.65
CA LYS E 48 36.76 -14.96 -4.62
C LYS E 48 35.37 -14.33 -4.32
N LYS E 49 35.29 -13.54 -3.25
CA LYS E 49 34.03 -12.87 -2.87
C LYS E 49 33.62 -11.78 -3.86
N THR E 50 34.62 -11.19 -4.52
CA THR E 50 34.42 -9.95 -5.27
C THR E 50 34.39 -10.12 -6.80
N VAL E 51 35.06 -11.14 -7.32
CA VAL E 51 35.19 -11.32 -8.78
C VAL E 51 33.89 -11.03 -9.55
N PHE E 52 32.78 -11.61 -9.10
CA PHE E 52 31.52 -11.50 -9.83
C PHE E 52 30.91 -10.09 -9.81
N LYS E 53 30.81 -9.50 -8.62
CA LYS E 53 30.36 -8.10 -8.46
C LYS E 53 31.20 -7.15 -9.33
N MET E 54 32.52 -7.34 -9.29
CA MET E 54 33.48 -6.55 -10.05
C MET E 54 33.18 -6.58 -11.54
N GLN E 55 32.97 -7.78 -12.08
CA GLN E 55 32.70 -7.96 -13.51
C GLN E 55 31.41 -7.24 -13.94
N ILE E 56 30.33 -7.44 -13.18
CA ILE E 56 29.05 -6.74 -13.43
C ILE E 56 29.21 -5.23 -13.40
N TYR E 57 30.01 -4.73 -12.46
CA TYR E 57 30.25 -3.30 -12.34
C TYR E 57 31.03 -2.74 -13.53
N MET E 58 32.04 -3.48 -13.98
CA MET E 58 32.87 -3.02 -15.10
C MET E 58 32.07 -3.00 -16.39
N LEU E 59 31.28 -4.05 -16.61
CA LEU E 59 30.43 -4.14 -17.80
C LEU E 59 29.44 -2.98 -17.87
N THR E 60 28.97 -2.53 -16.71
CA THR E 60 28.10 -1.38 -16.63
C THR E 60 28.87 -0.14 -17.06
N ALA E 61 30.09 -0.01 -16.54
CA ALA E 61 30.99 1.10 -16.85
C ALA E 61 31.36 1.22 -18.33
N ARG E 62 31.77 0.12 -18.97
CA ARG E 62 32.12 0.12 -20.42
C ARG E 62 30.90 0.50 -21.26
N SER E 63 29.75 -0.04 -20.89
CA SER E 63 28.48 0.24 -21.57
C SER E 63 28.15 1.72 -21.56
N LYS E 64 28.41 2.37 -20.42
CA LYS E 64 28.23 3.82 -20.28
C LYS E 64 29.14 4.57 -21.25
N GLN E 65 30.38 4.10 -21.38
CA GLN E 65 31.35 4.69 -22.28
C GLN E 65 31.03 4.40 -23.74
N LEU E 66 30.39 3.26 -23.99
CA LEU E 66 29.96 2.88 -25.33
C LEU E 66 28.95 3.88 -25.92
N LYS E 67 28.12 4.45 -25.05
CA LYS E 67 27.14 5.43 -25.48
C LYS E 67 27.79 6.78 -25.83
N GLN E 68 28.51 7.34 -24.87
CA GLN E 68 29.06 8.70 -25.00
C GLN E 68 30.22 8.82 -25.99
N ALA E 69 30.87 7.69 -26.31
CA ALA E 69 32.00 7.70 -27.24
C ALA E 69 31.55 7.81 -28.68
N LYS E 70 30.45 7.14 -29.03
CA LYS E 70 29.91 7.14 -30.39
C LYS E 70 29.64 8.53 -30.96
N ASN E 71 29.31 9.48 -30.08
CA ASN E 71 29.12 10.88 -30.47
C ASN E 71 30.40 11.57 -30.92
N LEU E 72 31.53 11.16 -30.36
CA LEU E 72 32.82 11.78 -30.70
C LEU E 72 33.59 11.05 -31.79
N GLU E 73 34.16 11.83 -32.71
CA GLU E 73 34.83 11.31 -33.90
C GLU E 73 36.25 10.83 -33.57
N ASN E 74 36.94 11.57 -32.71
CA ASN E 74 38.32 11.25 -32.31
C ASN E 74 38.43 10.91 -30.83
N ILE E 75 38.70 9.64 -30.53
CA ILE E 75 38.73 9.15 -29.14
C ILE E 75 39.90 8.19 -28.87
N ILE E 76 40.54 8.36 -27.71
CA ILE E 76 41.56 7.44 -27.25
C ILE E 76 40.97 6.61 -26.11
N PHE E 77 40.93 5.31 -26.32
CA PHE E 77 40.47 4.39 -25.29
C PHE E 77 41.64 3.65 -24.65
N ASP E 78 41.65 3.67 -23.32
CA ASP E 78 42.48 2.79 -22.51
C ASP E 78 41.67 1.57 -22.07
N ARG E 79 42.00 0.44 -22.68
CA ARG E 79 41.19 -0.79 -22.59
C ARG E 79 39.84 -0.70 -23.30
N THR E 80 39.50 -1.75 -24.02
CA THR E 80 38.23 -1.85 -24.76
C THR E 80 37.19 -2.57 -23.91
N LEU E 81 36.12 -3.04 -24.56
CA LEU E 81 34.92 -3.51 -23.88
C LEU E 81 34.85 -5.02 -23.83
N LEU E 82 35.58 -5.65 -24.76
CA LEU E 82 35.54 -7.09 -24.96
C LEU E 82 36.67 -7.80 -24.21
N GLU E 83 37.29 -7.08 -23.28
CA GLU E 83 38.47 -7.57 -22.56
C GLU E 83 38.20 -8.02 -21.12
N ASP E 84 36.98 -7.83 -20.63
CA ASP E 84 36.67 -8.21 -19.26
C ASP E 84 36.71 -9.73 -19.01
N PRO E 85 36.20 -10.56 -19.95
CA PRO E 85 36.38 -12.01 -19.82
C PRO E 85 37.84 -12.45 -19.67
N ILE E 86 38.80 -11.57 -19.95
CA ILE E 86 40.19 -11.93 -19.72
C ILE E 86 40.41 -12.08 -18.23
N PHE E 87 39.93 -11.10 -17.47
CA PHE E 87 40.06 -11.11 -16.01
C PHE E 87 39.25 -12.22 -15.33
N MET E 88 38.15 -12.65 -15.96
CA MET E 88 37.36 -13.75 -15.46
C MET E 88 38.07 -15.10 -15.72
N LYS E 89 38.66 -15.22 -16.90
CA LYS E 89 39.38 -16.42 -17.27
C LYS E 89 40.65 -16.57 -16.42
N VAL E 90 41.26 -15.44 -16.05
CA VAL E 90 42.41 -15.43 -15.14
C VAL E 90 42.01 -15.97 -13.76
N ASN E 91 40.89 -15.49 -13.23
CA ASN E 91 40.36 -15.94 -11.95
C ASN E 91 39.94 -17.41 -11.97
N TYR E 92 39.50 -17.88 -13.13
CA TYR E 92 39.11 -19.28 -13.30
C TYR E 92 40.31 -20.21 -13.39
N ASP E 93 41.41 -19.72 -13.98
CA ASP E 93 42.63 -20.50 -14.08
C ASP E 93 43.27 -20.65 -12.71
N LEU E 94 43.14 -19.62 -11.88
CA LEU E 94 43.70 -19.60 -10.53
C LEU E 94 42.76 -20.21 -9.49
N ASN E 95 41.65 -20.77 -9.95
CA ASN E 95 40.62 -21.37 -9.11
C ASN E 95 40.04 -20.40 -8.06
N ASN E 96 39.69 -19.20 -8.53
CA ASN E 96 38.95 -18.23 -7.73
C ASN E 96 37.46 -18.24 -8.10
N VAL E 97 37.14 -18.97 -9.17
CA VAL E 97 35.77 -19.14 -9.66
C VAL E 97 35.62 -20.61 -10.05
N ASP E 98 34.55 -21.25 -9.61
CA ASP E 98 34.28 -22.64 -10.00
C ASP E 98 33.78 -22.75 -11.44
N GLN E 99 33.67 -23.98 -11.94
CA GLN E 99 33.24 -24.23 -13.32
C GLN E 99 31.85 -23.65 -13.60
N THR E 100 30.91 -23.87 -12.68
CA THR E 100 29.53 -23.41 -12.84
C THR E 100 29.44 -21.91 -13.05
N ASP E 101 29.91 -21.14 -12.06
CA ASP E 101 29.87 -19.67 -12.14
C ASP E 101 30.56 -19.16 -13.40
N TYR E 102 31.64 -19.83 -13.81
CA TYR E 102 32.36 -19.44 -14.99
C TYR E 102 31.50 -19.58 -16.24
N ASN E 103 30.79 -20.70 -16.34
CA ASN E 103 29.88 -20.98 -17.45
C ASN E 103 28.72 -20.00 -17.49
N THR E 104 28.26 -19.60 -16.31
CA THR E 104 27.21 -18.58 -16.16
C THR E 104 27.63 -17.23 -16.75
N TYR E 105 28.76 -16.70 -16.28
CA TYR E 105 29.31 -15.45 -16.82
C TYR E 105 29.45 -15.50 -18.36
N ILE E 106 30.04 -16.57 -18.88
CA ILE E 106 30.32 -16.68 -20.30
C ILE E 106 29.05 -16.81 -21.15
N ASP E 107 28.08 -17.57 -20.65
CA ASP E 107 26.82 -17.81 -21.37
C ASP E 107 26.04 -16.50 -21.46
N PHE E 108 26.19 -15.68 -20.43
CA PHE E 108 25.59 -14.35 -20.37
C PHE E 108 26.29 -13.39 -21.32
N TYR E 109 27.62 -13.34 -21.22
CA TYR E 109 28.43 -12.47 -22.06
C TYR E 109 28.16 -12.74 -23.53
N ASN E 110 27.94 -14.01 -23.86
CA ASN E 110 27.71 -14.40 -25.24
C ASN E 110 26.33 -13.98 -25.71
N ASN E 111 25.31 -14.40 -24.97
CA ASN E 111 23.93 -14.18 -25.39
C ASN E 111 23.40 -12.77 -25.18
N VAL E 112 24.05 -11.99 -24.31
CA VAL E 112 23.60 -10.61 -24.02
C VAL E 112 24.61 -9.56 -24.51
N VAL E 113 25.76 -9.45 -23.84
CA VAL E 113 26.77 -8.45 -24.18
C VAL E 113 27.24 -8.53 -25.65
N LEU E 114 27.50 -9.75 -26.14
CA LEU E 114 27.96 -9.93 -27.52
C LEU E 114 26.89 -9.61 -28.57
N GLU E 115 25.64 -9.47 -28.13
CA GLU E 115 24.60 -8.93 -28.99
C GLU E 115 24.63 -7.40 -28.91
N ASN E 116 25.66 -6.83 -29.53
CA ASN E 116 25.82 -5.38 -29.69
C ASN E 116 25.85 -5.00 -31.18
N LEU E 117 24.73 -5.27 -31.86
CA LEU E 117 24.63 -5.09 -33.31
C LEU E 117 23.28 -4.47 -33.68
N LEU E 124 31.42 1.93 -32.19
CA LEU E 124 31.80 0.60 -31.69
C LEU E 124 33.27 0.31 -31.97
N SER E 125 33.63 0.28 -33.25
CA SER E 125 34.90 -0.29 -33.75
C SER E 125 36.03 0.72 -33.96
N PHE E 126 37.27 0.25 -33.75
CA PHE E 126 38.47 1.09 -33.78
C PHE E 126 39.22 1.03 -35.10
N ASP E 127 39.97 2.09 -35.39
CA ASP E 127 40.87 2.13 -36.56
C ASP E 127 42.25 1.57 -36.24
N ILE E 128 42.63 1.63 -34.95
CA ILE E 128 43.87 1.03 -34.47
C ILE E 128 43.73 0.57 -33.01
N VAL E 129 44.29 -0.61 -32.71
CA VAL E 129 44.35 -1.12 -31.34
C VAL E 129 45.80 -1.41 -30.97
N ILE E 130 46.38 -0.53 -30.17
CA ILE E 130 47.81 -0.59 -29.84
C ILE E 130 48.10 -1.52 -28.67
N TYR E 131 48.76 -2.63 -28.96
CA TYR E 131 49.16 -3.60 -27.94
C TYR E 131 50.56 -3.30 -27.39
N LEU E 132 50.59 -2.87 -26.14
CA LEU E 132 51.84 -2.67 -25.41
C LEU E 132 52.27 -3.98 -24.78
N ARG E 133 53.06 -4.75 -25.52
CA ARG E 133 53.57 -6.04 -25.05
C ARG E 133 54.68 -5.80 -24.04
N VAL E 134 54.65 -6.50 -22.91
CA VAL E 134 55.63 -6.37 -21.83
C VAL E 134 55.87 -7.69 -21.11
N SER E 135 57.07 -7.85 -20.57
CA SER E 135 57.34 -8.91 -19.62
C SER E 135 56.58 -8.67 -18.31
N THR E 136 56.25 -9.75 -17.62
CA THR E 136 55.64 -9.69 -16.29
C THR E 136 56.53 -8.93 -15.29
N LYS E 137 57.84 -9.11 -15.41
CA LYS E 137 58.81 -8.49 -14.50
C LYS E 137 58.85 -6.96 -14.63
N THR E 138 58.64 -6.45 -15.84
CA THR E 138 58.57 -5.02 -16.09
C THR E 138 57.25 -4.45 -15.60
N ALA E 139 56.16 -5.14 -15.94
CA ALA E 139 54.82 -4.74 -15.47
C ALA E 139 54.75 -4.65 -13.96
N ILE E 140 55.22 -5.69 -13.26
CA ILE E 140 55.24 -5.72 -11.81
C ILE E 140 55.97 -4.52 -11.20
N SER E 141 57.13 -4.17 -11.76
CA SER E 141 57.89 -3.01 -11.27
C SER E 141 57.24 -1.69 -11.69
N ARG E 142 56.44 -1.72 -12.75
CA ARG E 142 55.68 -0.54 -13.16
C ARG E 142 54.46 -0.29 -12.27
N ILE E 143 53.85 -1.37 -11.78
CA ILE E 143 52.79 -1.29 -10.79
C ILE E 143 53.31 -0.70 -9.46
N LYS E 144 54.49 -1.13 -9.04
CA LYS E 144 55.12 -0.64 -7.81
C LYS E 144 55.53 0.84 -7.88
N LYS E 145 55.55 1.39 -9.09
CA LYS E 145 56.02 2.76 -9.31
C LYS E 145 54.91 3.76 -9.65
N ARG E 146 53.98 3.36 -10.51
CA ARG E 146 53.02 4.29 -11.11
C ARG E 146 51.57 3.82 -11.16
N GLY E 147 51.29 2.66 -10.56
CA GLY E 147 49.93 2.10 -10.55
C GLY E 147 49.13 2.48 -9.30
N ARG E 148 48.16 1.63 -8.94
CA ARG E 148 47.38 1.80 -7.72
C ARG E 148 47.97 1.01 -6.55
N SER E 149 47.79 1.53 -5.34
CA SER E 149 48.34 0.90 -4.13
C SER E 149 47.72 -0.47 -3.79
N GLU E 150 46.49 -0.69 -4.25
CA GLU E 150 45.76 -1.93 -3.98
C GLU E 150 46.30 -3.12 -4.78
N GLU E 151 46.84 -2.85 -5.96
CA GLU E 151 47.40 -3.88 -6.84
C GLU E 151 48.64 -4.56 -6.24
N LEU E 152 49.18 -3.99 -5.17
CA LEU E 152 50.35 -4.53 -4.50
C LEU E 152 50.01 -5.65 -3.53
N LEU E 153 48.71 -5.80 -3.23
CA LEU E 153 48.22 -6.77 -2.24
C LEU E 153 48.12 -8.21 -2.75
N ILE E 154 48.24 -8.41 -4.05
CA ILE E 154 48.09 -9.73 -4.66
C ILE E 154 49.41 -10.32 -5.17
N GLY E 155 49.50 -11.64 -5.17
CA GLY E 155 50.71 -12.36 -5.56
C GLY E 155 51.06 -12.34 -7.04
N GLU E 156 52.25 -12.84 -7.34
CA GLU E 156 52.84 -12.78 -8.69
C GLU E 156 52.17 -13.72 -9.68
N GLU E 157 51.57 -14.80 -9.17
CA GLU E 157 50.86 -15.77 -10.00
C GLU E 157 49.74 -15.09 -10.77
N TYR E 158 49.13 -14.09 -10.14
CA TYR E 158 48.02 -13.35 -10.73
C TYR E 158 48.43 -12.59 -11.98
N TRP E 159 49.51 -11.81 -11.86
CA TRP E 159 49.97 -10.97 -12.95
C TRP E 159 50.52 -11.79 -14.11
N GLU E 160 51.16 -12.90 -13.76
CA GLU E 160 51.78 -13.79 -14.75
C GLU E 160 50.73 -14.60 -15.53
N THR E 161 49.63 -14.96 -14.88
CA THR E 161 48.50 -15.57 -15.57
C THR E 161 47.83 -14.55 -16.48
N LEU E 162 47.78 -13.29 -16.03
CA LEU E 162 47.15 -12.19 -16.77
C LEU E 162 47.92 -11.82 -18.04
N ASN E 163 49.25 -11.71 -17.94
CA ASN E 163 50.10 -11.43 -19.09
C ASN E 163 50.07 -12.56 -20.12
N LYS E 164 50.00 -13.80 -19.61
CA LYS E 164 49.88 -14.97 -20.48
C LYS E 164 48.56 -14.92 -21.23
N ASN E 165 47.52 -14.43 -20.57
CA ASN E 165 46.21 -14.34 -21.20
C ASN E 165 46.06 -13.20 -22.22
N TYR E 166 46.68 -12.06 -21.95
CA TYR E 166 46.65 -10.96 -22.91
C TYR E 166 47.31 -11.31 -24.23
N GLU E 167 48.48 -11.95 -24.17
CA GLU E 167 49.17 -12.46 -25.35
C GLU E 167 48.33 -13.52 -26.07
N GLU E 168 47.74 -14.46 -25.34
CA GLU E 168 46.90 -15.43 -26.02
C GLU E 168 45.68 -14.75 -26.64
N PHE E 169 45.10 -13.76 -25.95
CA PHE E 169 44.01 -12.96 -26.52
C PHE E 169 44.47 -12.37 -27.86
N TYR E 170 45.61 -11.68 -27.82
CA TYR E 170 46.26 -11.13 -29.02
C TYR E 170 46.47 -12.14 -30.16
N LYS E 171 47.12 -13.28 -29.88
CA LYS E 171 47.34 -14.31 -30.90
C LYS E 171 46.03 -14.89 -31.44
N GLN E 172 45.05 -15.03 -30.56
CA GLN E 172 43.73 -15.56 -30.91
C GLN E 172 42.98 -14.58 -31.80
N ASN E 173 42.92 -13.32 -31.36
CA ASN E 173 42.18 -12.22 -32.02
C ASN E 173 40.80 -12.61 -32.55
N VAL E 174 39.92 -13.02 -31.62
CA VAL E 174 38.56 -13.48 -31.94
C VAL E 174 37.75 -12.43 -32.71
N TYR E 175 37.92 -11.17 -32.33
CA TYR E 175 37.06 -10.08 -32.81
C TYR E 175 37.68 -9.29 -33.98
N ASP E 176 38.70 -9.88 -34.61
CA ASP E 176 39.37 -9.30 -35.78
C ASP E 176 39.75 -7.82 -35.62
N PHE E 177 40.45 -7.50 -34.53
CA PHE E 177 40.94 -6.14 -34.28
C PHE E 177 42.05 -5.73 -35.24
N PRO E 178 42.17 -4.42 -35.54
CA PRO E 178 43.37 -3.92 -36.22
C PRO E 178 44.51 -3.67 -35.23
N PHE E 179 45.11 -4.75 -34.74
CA PHE E 179 46.21 -4.68 -33.77
C PHE E 179 47.49 -4.09 -34.36
N PHE E 180 48.17 -3.29 -33.56
CA PHE E 180 49.52 -2.80 -33.88
C PHE E 180 50.36 -2.92 -32.62
N VAL E 181 51.41 -3.73 -32.70
CA VAL E 181 52.21 -4.14 -31.55
C VAL E 181 53.35 -3.15 -31.30
N VAL E 182 53.70 -2.97 -30.03
CA VAL E 182 54.78 -2.08 -29.62
C VAL E 182 55.54 -2.73 -28.48
N ASP E 183 56.85 -2.84 -28.61
CA ASP E 183 57.70 -3.36 -27.54
C ASP E 183 57.73 -2.33 -26.41
N ALA E 184 57.08 -2.66 -25.31
CA ALA E 184 56.87 -1.70 -24.23
C ALA E 184 57.94 -1.80 -23.15
N GLU E 185 58.98 -2.58 -23.46
CA GLU E 185 60.20 -2.62 -22.65
C GLU E 185 61.03 -1.38 -22.91
N LEU E 186 60.79 -0.74 -24.06
CA LEU E 186 61.49 0.47 -24.46
C LEU E 186 61.00 1.67 -23.64
N ASP E 187 61.85 2.69 -23.48
CA ASP E 187 61.41 3.88 -22.72
C ASP E 187 60.28 4.61 -23.47
N VAL E 188 59.62 5.54 -22.79
CA VAL E 188 58.37 6.10 -23.31
C VAL E 188 58.54 6.79 -24.68
N LYS E 189 59.55 7.65 -24.79
CA LYS E 189 59.81 8.40 -26.03
C LYS E 189 59.87 7.52 -27.29
N THR E 190 60.55 6.39 -27.21
CA THR E 190 60.61 5.45 -28.34
C THR E 190 59.20 4.94 -28.69
N GLN E 191 58.43 4.53 -27.68
CA GLN E 191 57.09 3.98 -27.91
C GLN E 191 56.21 5.02 -28.61
N ILE E 192 56.25 6.25 -28.11
CA ILE E 192 55.52 7.40 -28.66
C ILE E 192 55.87 7.69 -30.13
N GLU E 193 57.15 7.57 -30.48
CA GLU E 193 57.59 7.73 -31.88
C GLU E 193 57.10 6.58 -32.76
N LEU E 194 57.12 5.36 -32.24
CA LEU E 194 56.69 4.21 -33.02
C LEU E 194 55.19 4.28 -33.33
N ILE E 195 54.45 4.89 -32.40
CA ILE E 195 53.01 5.07 -32.54
C ILE E 195 52.67 6.20 -33.52
N MET E 196 53.25 7.38 -33.28
CA MET E 196 53.05 8.55 -34.15
C MET E 196 53.35 8.26 -35.63
N ASN E 197 54.49 7.62 -35.89
CA ASN E 197 54.82 7.13 -37.24
C ASN E 197 53.68 6.34 -37.88
N LYS E 198 53.06 5.48 -37.08
CA LYS E 198 51.99 4.60 -37.56
C LYS E 198 50.69 5.37 -37.81
N LEU E 199 50.32 6.23 -36.87
CA LEU E 199 49.12 7.07 -36.99
C LEU E 199 49.18 8.02 -38.19
N ASN E 200 50.36 8.57 -38.45
CA ASN E 200 50.59 9.43 -39.61
C ASN E 200 50.41 8.74 -40.96
N SER E 201 50.31 7.41 -40.95
CA SER E 201 50.11 6.63 -42.16
C SER E 201 49.04 5.56 -41.96
N HIS F 1 -5.56 -13.15 -32.72
CA HIS F 1 -4.13 -13.43 -32.40
C HIS F 1 -3.65 -12.61 -31.19
N MET F 2 -3.11 -13.32 -30.21
CA MET F 2 -3.00 -12.80 -28.85
C MET F 2 -1.63 -13.00 -28.20
N LYS F 3 -1.24 -12.03 -27.39
CA LYS F 3 -0.03 -12.13 -26.59
C LYS F 3 -0.41 -11.99 -25.12
N ILE F 4 -0.41 -13.12 -24.40
CA ILE F 4 -0.85 -13.17 -23.01
C ILE F 4 0.29 -13.38 -22.03
N ALA F 5 0.27 -12.62 -20.93
CA ALA F 5 1.22 -12.81 -19.84
C ALA F 5 0.49 -13.10 -18.52
N ILE F 6 1.05 -14.00 -17.73
CA ILE F 6 0.52 -14.34 -16.41
C ILE F 6 1.51 -13.92 -15.34
N PHE F 7 1.01 -13.16 -14.38
CA PHE F 7 1.82 -12.37 -13.47
C PHE F 7 1.39 -12.69 -12.03
N GLY F 8 2.35 -13.04 -11.19
CA GLY F 8 2.06 -13.35 -9.79
C GLY F 8 3.26 -13.83 -9.00
N THR F 9 3.14 -13.81 -7.67
CA THR F 9 4.19 -14.26 -6.77
C THR F 9 4.33 -15.77 -6.86
N VAL F 10 5.35 -16.31 -6.20
CA VAL F 10 5.54 -17.76 -6.15
C VAL F 10 4.34 -18.38 -5.44
N GLY F 11 3.84 -19.47 -6.02
CA GLY F 11 2.70 -20.21 -5.45
C GLY F 11 1.33 -19.63 -5.75
N ALA F 12 1.29 -18.58 -6.57
CA ALA F 12 0.05 -17.89 -6.93
C ALA F 12 -0.87 -18.72 -7.82
N GLY F 13 -0.27 -19.65 -8.57
CA GLY F 13 -1.02 -20.55 -9.43
C GLY F 13 -0.83 -20.31 -10.92
N LYS F 14 0.20 -19.54 -11.29
CA LYS F 14 0.51 -19.21 -12.69
C LYS F 14 0.66 -20.43 -13.63
N SER F 15 1.32 -21.49 -13.14
CA SER F 15 1.58 -22.68 -13.95
C SER F 15 0.29 -23.42 -14.30
N THR F 16 -0.64 -23.44 -13.35
CA THR F 16 -1.94 -24.08 -13.54
C THR F 16 -2.83 -23.29 -14.50
N ILE F 17 -2.85 -21.97 -14.36
CA ILE F 17 -3.70 -21.11 -15.19
C ILE F 17 -3.26 -21.04 -16.65
N SER F 18 -1.95 -20.93 -16.87
CA SER F 18 -1.39 -20.98 -18.22
C SER F 18 -1.65 -22.33 -18.89
N ALA F 19 -1.47 -23.42 -18.14
CA ALA F 19 -1.69 -24.77 -18.66
C ALA F 19 -3.14 -24.98 -19.08
N GLU F 20 -4.05 -24.35 -18.36
CA GLU F 20 -5.46 -24.40 -18.71
C GLU F 20 -5.79 -23.53 -19.93
N ILE F 21 -5.38 -22.26 -19.91
CA ILE F 21 -5.58 -21.35 -21.04
C ILE F 21 -4.98 -21.90 -22.33
N SER F 22 -3.78 -22.49 -22.21
CA SER F 22 -3.08 -23.08 -23.34
C SER F 22 -3.91 -24.19 -23.98
N LYS F 23 -4.48 -25.07 -23.14
CA LYS F 23 -5.33 -26.16 -23.61
C LYS F 23 -6.56 -25.65 -24.35
N LYS F 24 -7.06 -24.49 -23.93
CA LYS F 24 -8.25 -23.89 -24.55
C LYS F 24 -7.94 -23.22 -25.89
N LEU F 25 -6.96 -22.32 -25.90
CA LEU F 25 -6.68 -21.50 -27.08
C LEU F 25 -5.69 -22.14 -28.07
N GLY F 26 -5.05 -23.22 -27.63
CA GLY F 26 -4.03 -23.91 -28.43
C GLY F 26 -2.70 -23.18 -28.46
N TYR F 27 -2.42 -22.43 -27.40
CA TYR F 27 -1.24 -21.56 -27.34
C TYR F 27 0.01 -22.26 -26.79
N GLU F 28 1.14 -21.56 -26.86
CA GLU F 28 2.42 -22.10 -26.44
C GLU F 28 2.89 -21.44 -25.15
N ILE F 29 3.24 -22.26 -24.17
CA ILE F 29 3.72 -21.78 -22.88
C ILE F 29 5.23 -21.57 -22.91
N PHE F 30 5.68 -20.47 -22.31
CA PHE F 30 7.09 -20.23 -22.07
C PHE F 30 7.36 -20.25 -20.58
N LYS F 31 7.77 -21.42 -20.08
CA LYS F 31 8.14 -21.60 -18.67
C LYS F 31 9.59 -21.19 -18.48
N GLU F 32 9.88 -20.51 -17.37
CA GLU F 32 11.27 -20.16 -17.04
C GLU F 32 12.02 -21.39 -16.58
N PRO F 33 13.26 -21.59 -17.07
CA PRO F 33 14.09 -22.72 -16.64
C PRO F 33 14.26 -22.74 -15.12
N VAL F 34 13.83 -23.85 -14.52
CA VAL F 34 13.91 -24.06 -13.08
C VAL F 34 14.77 -25.30 -12.83
N GLU F 35 14.55 -26.33 -13.65
CA GLU F 35 15.17 -27.64 -13.46
C GLU F 35 16.63 -27.66 -13.89
N GLU F 36 16.96 -26.85 -14.90
CA GLU F 36 18.33 -26.76 -15.40
C GLU F 36 19.04 -25.52 -14.84
N ASN F 37 18.50 -25.00 -13.74
CA ASN F 37 19.12 -23.90 -13.02
C ASN F 37 19.99 -24.43 -11.88
N PRO F 38 21.32 -24.40 -12.07
CA PRO F 38 22.23 -25.02 -11.09
C PRO F 38 22.27 -24.27 -9.76
N TYR F 39 21.66 -23.09 -9.72
CA TYR F 39 21.67 -22.25 -8.52
C TYR F 39 20.41 -22.41 -7.68
N PHE F 40 19.39 -23.06 -8.25
CA PHE F 40 18.05 -23.16 -7.64
C PHE F 40 18.01 -23.67 -6.20
N GLU F 41 18.63 -24.83 -5.95
CA GLU F 41 18.76 -25.35 -4.59
C GLU F 41 19.64 -24.45 -3.72
N GLN F 42 20.82 -24.07 -4.23
CA GLN F 42 21.74 -23.20 -3.50
C GLN F 42 21.05 -21.92 -3.01
N TYR F 43 20.24 -21.34 -3.88
CA TYR F 43 19.61 -20.05 -3.66
C TYR F 43 18.79 -20.00 -2.37
N TYR F 44 17.86 -20.95 -2.22
CA TYR F 44 16.98 -20.99 -1.05
C TYR F 44 17.69 -21.44 0.23
N LYS F 45 18.87 -22.05 0.10
CA LYS F 45 19.69 -22.38 1.25
C LYS F 45 20.44 -21.18 1.81
N ASP F 46 20.87 -20.28 0.91
CA ASP F 46 21.71 -19.13 1.26
C ASP F 46 21.48 -18.01 0.24
N LEU F 47 20.64 -17.03 0.62
CA LEU F 47 20.26 -15.94 -0.28
C LEU F 47 21.40 -14.96 -0.59
N LYS F 48 22.19 -14.61 0.43
CA LYS F 48 23.30 -13.66 0.27
C LYS F 48 24.32 -14.07 -0.79
N LYS F 49 24.83 -15.30 -0.69
CA LYS F 49 25.88 -15.78 -1.58
C LYS F 49 25.41 -16.06 -3.01
N THR F 50 24.10 -16.25 -3.20
CA THR F 50 23.60 -16.79 -4.46
C THR F 50 22.84 -15.81 -5.37
N VAL F 51 22.35 -14.70 -4.82
CA VAL F 51 21.48 -13.76 -5.57
C VAL F 51 22.01 -13.27 -6.91
N PHE F 52 23.22 -12.71 -6.90
CA PHE F 52 23.84 -12.19 -8.13
C PHE F 52 23.96 -13.27 -9.21
N LYS F 53 24.54 -14.40 -8.84
CA LYS F 53 24.65 -15.54 -9.77
C LYS F 53 23.29 -15.90 -10.35
N MET F 54 22.31 -16.10 -9.46
CA MET F 54 20.95 -16.45 -9.81
C MET F 54 20.39 -15.48 -10.85
N GLN F 55 20.56 -14.19 -10.58
CA GLN F 55 20.03 -13.14 -11.45
C GLN F 55 20.63 -13.15 -12.86
N ILE F 56 21.94 -13.36 -12.94
CA ILE F 56 22.62 -13.43 -14.24
C ILE F 56 22.14 -14.66 -15.01
N TYR F 57 21.97 -15.77 -14.30
CA TYR F 57 21.46 -16.98 -14.94
C TYR F 57 20.07 -16.73 -15.51
N MET F 58 19.23 -16.05 -14.73
CA MET F 58 17.85 -15.80 -15.13
C MET F 58 17.76 -14.81 -16.30
N LEU F 59 18.58 -13.76 -16.27
CA LEU F 59 18.58 -12.75 -17.34
C LEU F 59 19.02 -13.30 -18.68
N THR F 60 19.96 -14.26 -18.65
CA THR F 60 20.40 -14.98 -19.85
C THR F 60 19.26 -15.81 -20.42
N ALA F 61 18.56 -16.52 -19.53
CA ALA F 61 17.48 -17.44 -19.92
C ALA F 61 16.30 -16.72 -20.55
N ARG F 62 15.89 -15.61 -19.92
CA ARG F 62 14.77 -14.78 -20.41
C ARG F 62 15.11 -14.06 -21.71
N SER F 63 16.37 -13.62 -21.81
CA SER F 63 16.94 -13.04 -23.02
C SER F 63 16.77 -14.00 -24.21
N LYS F 64 16.95 -15.30 -23.97
CA LYS F 64 16.80 -16.33 -25.02
C LYS F 64 15.32 -16.59 -25.37
N GLN F 65 14.47 -16.61 -24.34
CA GLN F 65 13.02 -16.71 -24.52
C GLN F 65 12.50 -15.60 -25.42
N LEU F 66 12.88 -14.35 -25.09
CA LEU F 66 12.47 -13.16 -25.83
C LEU F 66 12.69 -13.22 -27.35
N LYS F 67 13.94 -13.37 -27.76
CA LYS F 67 14.31 -13.18 -29.17
C LYS F 67 13.86 -14.31 -30.11
N GLN F 68 13.30 -15.38 -29.54
CA GLN F 68 12.72 -16.44 -30.35
C GLN F 68 11.20 -16.44 -30.23
N ALA F 69 10.69 -15.75 -29.21
CA ALA F 69 9.26 -15.65 -28.96
C ALA F 69 8.65 -14.43 -29.63
N LYS F 70 9.32 -13.29 -29.55
CA LYS F 70 8.78 -12.05 -30.11
C LYS F 70 8.98 -11.99 -31.64
N ASN F 71 8.80 -13.15 -32.25
CA ASN F 71 8.65 -13.31 -33.67
C ASN F 71 7.35 -14.09 -33.90
N LEU F 72 6.87 -14.70 -32.81
CA LEU F 72 5.68 -15.56 -32.83
C LEU F 72 4.40 -14.76 -32.56
N GLU F 73 3.31 -15.19 -33.17
CA GLU F 73 2.03 -14.46 -33.14
C GLU F 73 1.18 -14.71 -31.88
N ASN F 74 1.22 -15.94 -31.38
CA ASN F 74 0.55 -16.29 -30.12
C ASN F 74 1.55 -16.75 -29.06
N ILE F 75 1.47 -16.16 -27.87
CA ILE F 75 2.35 -16.50 -26.77
C ILE F 75 1.65 -16.41 -25.43
N ILE F 76 1.93 -17.39 -24.56
CA ILE F 76 1.56 -17.32 -23.16
C ILE F 76 2.85 -17.36 -22.35
N PHE F 77 3.08 -16.30 -21.59
CA PHE F 77 4.25 -16.21 -20.74
C PHE F 77 3.89 -16.47 -19.29
N ASP F 78 4.50 -17.53 -18.75
CA ASP F 78 4.64 -17.72 -17.32
C ASP F 78 5.75 -16.86 -16.77
N ARG F 79 5.36 -15.72 -16.20
CA ARG F 79 6.29 -14.62 -15.85
C ARG F 79 6.90 -13.87 -17.06
N THR F 80 7.08 -12.56 -16.91
CA THR F 80 7.67 -11.72 -17.96
C THR F 80 9.15 -11.44 -17.67
N LEU F 81 9.80 -10.82 -18.65
CA LEU F 81 11.24 -10.59 -18.60
C LEU F 81 11.63 -9.43 -17.69
N LEU F 82 10.65 -8.61 -17.32
CA LEU F 82 10.90 -7.38 -16.55
C LEU F 82 10.50 -7.52 -15.07
N GLU F 83 10.36 -8.76 -14.60
CA GLU F 83 9.96 -9.01 -13.22
C GLU F 83 11.11 -9.51 -12.34
N ASP F 84 12.24 -9.84 -12.96
CA ASP F 84 13.42 -10.28 -12.22
C ASP F 84 13.91 -9.30 -11.15
N PRO F 85 13.92 -7.98 -11.44
CA PRO F 85 14.33 -7.03 -10.39
C PRO F 85 13.54 -7.13 -9.09
N ILE F 86 12.29 -7.58 -9.16
CA ILE F 86 11.47 -7.83 -7.97
C ILE F 86 12.20 -8.69 -6.94
N PHE F 87 12.82 -9.77 -7.40
CA PHE F 87 13.53 -10.67 -6.50
C PHE F 87 14.77 -10.03 -5.89
N MET F 88 15.44 -9.18 -6.66
CA MET F 88 16.55 -8.38 -6.15
C MET F 88 16.06 -7.36 -5.11
N LYS F 89 14.98 -6.66 -5.45
CA LYS F 89 14.35 -5.71 -4.53
C LYS F 89 14.05 -6.37 -3.17
N VAL F 90 13.61 -7.62 -3.21
CA VAL F 90 13.23 -8.38 -2.01
C VAL F 90 14.45 -8.61 -1.12
N ASN F 91 15.54 -9.05 -1.71
CA ASN F 91 16.76 -9.33 -0.97
C ASN F 91 17.37 -8.06 -0.40
N TYR F 92 17.15 -6.96 -1.11
CA TYR F 92 17.51 -5.63 -0.63
C TYR F 92 16.71 -5.29 0.63
N ASP F 93 15.40 -5.53 0.60
CA ASP F 93 14.53 -5.29 1.77
C ASP F 93 14.95 -6.11 2.98
N LEU F 94 15.39 -7.34 2.72
CA LEU F 94 15.76 -8.29 3.77
C LEU F 94 17.23 -8.23 4.18
N ASN F 95 17.93 -7.18 3.74
CA ASN F 95 19.36 -6.97 4.01
C ASN F 95 20.30 -8.10 3.54
N ASN F 96 19.94 -8.70 2.41
CA ASN F 96 20.78 -9.72 1.78
C ASN F 96 21.60 -9.13 0.64
N VAL F 97 21.38 -7.84 0.37
CA VAL F 97 22.14 -7.06 -0.60
C VAL F 97 22.28 -5.66 0.01
N ASP F 98 23.49 -5.12 0.03
CA ASP F 98 23.69 -3.76 0.56
C ASP F 98 23.34 -2.68 -0.47
N GLN F 99 23.32 -1.43 -0.03
CA GLN F 99 22.97 -0.30 -0.89
C GLN F 99 23.85 -0.24 -2.16
N THR F 100 25.15 -0.42 -1.99
CA THR F 100 26.10 -0.37 -3.10
C THR F 100 25.78 -1.44 -4.14
N ASP F 101 25.62 -2.68 -3.71
CA ASP F 101 25.35 -3.79 -4.60
C ASP F 101 24.02 -3.65 -5.35
N TYR F 102 23.02 -3.11 -4.67
CA TYR F 102 21.72 -2.83 -5.27
C TYR F 102 21.85 -1.77 -6.38
N ASN F 103 22.57 -0.69 -6.06
CA ASN F 103 22.89 0.37 -7.02
C ASN F 103 23.58 -0.18 -8.27
N THR F 104 24.53 -1.09 -8.06
CA THR F 104 25.21 -1.76 -9.16
C THR F 104 24.23 -2.61 -9.97
N TYR F 105 23.33 -3.32 -9.31
CA TYR F 105 22.37 -4.17 -10.03
C TYR F 105 21.44 -3.38 -10.94
N ILE F 106 20.82 -2.35 -10.37
CA ILE F 106 19.81 -1.55 -11.07
C ILE F 106 20.43 -0.82 -12.24
N ASP F 107 21.65 -0.33 -12.04
CA ASP F 107 22.40 0.35 -13.07
C ASP F 107 22.71 -0.61 -14.21
N PHE F 108 23.13 -1.81 -13.82
CA PHE F 108 23.46 -2.87 -14.77
C PHE F 108 22.25 -3.29 -15.58
N TYR F 109 21.13 -3.48 -14.88
CA TYR F 109 19.87 -3.88 -15.50
C TYR F 109 19.39 -2.86 -16.53
N ASN F 110 19.68 -1.59 -16.27
CA ASN F 110 19.17 -0.50 -17.09
C ASN F 110 19.94 -0.34 -18.41
N ASN F 111 21.26 -0.39 -18.32
CA ASN F 111 22.10 -0.16 -19.49
C ASN F 111 22.26 -1.39 -20.36
N VAL F 112 22.02 -2.56 -19.76
CA VAL F 112 22.17 -3.85 -20.43
C VAL F 112 20.84 -4.40 -20.95
N VAL F 113 19.80 -4.36 -20.12
CA VAL F 113 18.50 -4.92 -20.49
C VAL F 113 17.55 -3.87 -21.06
N LEU F 114 17.21 -2.85 -20.27
CA LEU F 114 16.19 -1.86 -20.62
C LEU F 114 16.44 -1.04 -21.91
N GLU F 115 17.52 -1.37 -22.62
CA GLU F 115 17.77 -0.85 -23.96
C GLU F 115 17.44 -1.95 -24.96
N ASN F 116 16.21 -1.91 -25.45
CA ASN F 116 15.66 -2.95 -26.31
C ASN F 116 16.24 -2.94 -27.73
N SER F 125 5.47 -6.72 -26.20
CA SER F 125 4.13 -6.13 -26.18
C SER F 125 3.00 -7.14 -25.97
N PHE F 126 2.56 -7.28 -24.72
CA PHE F 126 1.42 -8.13 -24.40
C PHE F 126 0.10 -7.37 -24.56
N ASP F 127 -0.96 -8.10 -24.89
CA ASP F 127 -2.30 -7.52 -24.96
C ASP F 127 -2.93 -7.49 -23.58
N ILE F 128 -2.64 -8.53 -22.77
CA ILE F 128 -3.17 -8.66 -21.42
C ILE F 128 -2.10 -9.23 -20.49
N VAL F 129 -1.92 -8.60 -19.34
CA VAL F 129 -1.07 -9.14 -18.29
C VAL F 129 -1.96 -9.51 -17.09
N ILE F 130 -2.22 -10.81 -16.93
CA ILE F 130 -3.16 -11.32 -15.93
C ILE F 130 -2.55 -11.43 -14.52
N TYR F 131 -2.91 -10.50 -13.65
CA TYR F 131 -2.43 -10.53 -12.27
C TYR F 131 -3.24 -11.52 -11.45
N LEU F 132 -2.61 -12.64 -11.11
CA LEU F 132 -3.20 -13.61 -10.20
C LEU F 132 -2.88 -13.18 -8.77
N ARG F 133 -3.82 -12.46 -8.17
CA ARG F 133 -3.58 -11.89 -6.86
C ARG F 133 -4.01 -12.84 -5.75
N VAL F 134 -3.14 -12.96 -4.74
CA VAL F 134 -3.33 -13.88 -3.62
C VAL F 134 -2.63 -13.38 -2.37
N SER F 135 -3.14 -13.81 -1.22
CA SER F 135 -2.45 -13.60 0.04
C SER F 135 -1.27 -14.57 0.18
N THR F 136 -0.34 -14.20 1.05
CA THR F 136 0.87 -14.97 1.27
C THR F 136 0.58 -16.39 1.76
N LYS F 137 -0.28 -16.51 2.77
CA LYS F 137 -0.57 -17.82 3.37
C LYS F 137 -1.24 -18.84 2.41
N THR F 138 -1.94 -18.33 1.40
CA THR F 138 -2.54 -19.17 0.36
C THR F 138 -1.48 -19.59 -0.64
N ALA F 139 -0.58 -18.67 -0.98
CA ALA F 139 0.53 -18.94 -1.88
C ALA F 139 1.49 -19.97 -1.27
N ILE F 140 1.82 -19.77 0.02
CA ILE F 140 2.61 -20.73 0.80
C ILE F 140 2.00 -22.12 0.75
N SER F 141 0.68 -22.19 0.91
CA SER F 141 -0.02 -23.48 0.87
C SER F 141 0.08 -24.13 -0.51
N ARG F 142 0.08 -23.32 -1.56
CA ARG F 142 0.21 -23.84 -2.92
C ARG F 142 1.65 -24.21 -3.29
N ILE F 143 2.62 -23.56 -2.64
CA ILE F 143 4.01 -24.02 -2.68
C ILE F 143 4.11 -25.44 -2.09
N LYS F 144 3.51 -25.66 -0.92
CA LYS F 144 3.61 -26.94 -0.21
C LYS F 144 3.14 -28.16 -0.98
N LYS F 145 2.06 -28.00 -1.77
CA LYS F 145 1.49 -29.14 -2.49
C LYS F 145 1.81 -29.22 -3.99
N ARG F 146 2.12 -28.08 -4.61
CA ARG F 146 2.30 -28.06 -6.07
C ARG F 146 3.64 -27.55 -6.60
N GLY F 147 4.36 -26.77 -5.79
CA GLY F 147 5.61 -26.15 -6.21
C GLY F 147 6.81 -27.05 -6.08
N ARG F 148 7.99 -26.46 -5.92
CA ARG F 148 9.24 -27.20 -5.77
C ARG F 148 9.60 -27.38 -4.30
N SER F 149 10.32 -28.46 -3.98
CA SER F 149 10.72 -28.75 -2.60
C SER F 149 11.76 -27.73 -2.08
N GLU F 150 12.63 -27.27 -2.97
CA GLU F 150 13.65 -26.26 -2.65
C GLU F 150 13.03 -24.98 -2.06
N GLU F 151 11.83 -24.65 -2.51
CA GLU F 151 11.08 -23.48 -2.04
C GLU F 151 10.66 -23.61 -0.58
N LEU F 152 10.63 -24.84 -0.06
CA LEU F 152 10.29 -25.07 1.34
C LEU F 152 11.42 -24.73 2.29
N LEU F 153 12.54 -24.22 1.77
CA LEU F 153 13.76 -24.11 2.56
C LEU F 153 13.99 -22.78 3.29
N ILE F 154 13.43 -21.67 2.77
CA ILE F 154 13.51 -20.37 3.46
C ILE F 154 12.25 -20.09 4.29
N GLY F 155 12.40 -19.16 5.26
CA GLY F 155 11.34 -18.78 6.17
C GLY F 155 10.19 -18.02 5.52
N GLU F 156 9.19 -17.67 6.32
CA GLU F 156 7.97 -17.05 5.83
C GLU F 156 8.16 -15.60 5.40
N GLU F 157 9.10 -14.90 6.06
CA GLU F 157 9.38 -13.49 5.79
C GLU F 157 9.64 -13.25 4.30
N TYR F 158 10.36 -14.19 3.67
CA TYR F 158 10.71 -14.10 2.25
C TYR F 158 9.46 -14.05 1.36
N TRP F 159 8.50 -14.93 1.63
CA TRP F 159 7.25 -14.98 0.86
C TRP F 159 6.37 -13.76 1.06
N GLU F 160 6.31 -13.28 2.31
CA GLU F 160 5.61 -12.04 2.64
C GLU F 160 6.20 -10.85 1.90
N THR F 161 7.53 -10.74 1.95
CA THR F 161 8.26 -9.66 1.29
C THR F 161 8.09 -9.74 -0.23
N LEU F 162 8.11 -10.96 -0.77
CA LEU F 162 7.93 -11.15 -2.20
C LEU F 162 6.51 -10.82 -2.67
N ASN F 163 5.52 -11.12 -1.82
CA ASN F 163 4.12 -10.83 -2.15
C ASN F 163 3.83 -9.35 -2.03
N LYS F 164 4.39 -8.72 -1.01
CA LYS F 164 4.31 -7.28 -0.84
C LYS F 164 4.91 -6.56 -2.05
N ASN F 165 6.10 -7.01 -2.49
CA ASN F 165 6.78 -6.40 -3.63
C ASN F 165 6.11 -6.60 -4.99
N TYR F 166 5.51 -7.78 -5.16
CA TYR F 166 4.66 -8.03 -6.33
C TYR F 166 3.44 -7.11 -6.38
N GLU F 167 2.83 -6.92 -5.22
CA GLU F 167 1.70 -6.00 -5.08
C GLU F 167 2.14 -4.59 -5.47
N GLU F 168 3.30 -4.16 -4.96
CA GLU F 168 3.86 -2.83 -5.23
C GLU F 168 4.25 -2.61 -6.69
N PHE F 169 4.79 -3.65 -7.33
CA PHE F 169 5.10 -3.62 -8.76
C PHE F 169 3.82 -3.35 -9.57
N TYR F 170 2.77 -4.12 -9.27
CA TYR F 170 1.46 -3.96 -9.89
C TYR F 170 0.88 -2.54 -9.72
N LYS F 171 0.93 -2.02 -8.51
CA LYS F 171 0.40 -0.69 -8.21
C LYS F 171 1.15 0.43 -8.95
N GLN F 172 2.47 0.31 -9.00
CA GLN F 172 3.30 1.31 -9.69
C GLN F 172 3.20 1.18 -11.21
N ASN F 173 3.08 -0.05 -11.71
CA ASN F 173 2.98 -0.32 -13.14
C ASN F 173 3.93 0.57 -13.95
N VAL F 174 5.22 0.42 -13.66
CA VAL F 174 6.27 1.28 -14.19
C VAL F 174 6.41 1.17 -15.72
N TYR F 175 6.05 0.00 -16.25
CA TYR F 175 6.17 -0.27 -17.68
C TYR F 175 4.85 -0.14 -18.42
N ASP F 176 3.79 0.20 -17.68
CA ASP F 176 2.45 0.42 -18.23
C ASP F 176 1.84 -0.83 -18.89
N PHE F 177 1.92 -1.95 -18.17
CA PHE F 177 1.30 -3.20 -18.58
C PHE F 177 -0.23 -3.06 -18.66
N PRO F 178 -0.87 -3.74 -19.63
CA PRO F 178 -2.33 -3.82 -19.64
C PRO F 178 -2.83 -4.88 -18.64
N PHE F 179 -2.89 -4.47 -17.36
CA PHE F 179 -3.20 -5.38 -16.27
C PHE F 179 -4.65 -5.85 -16.24
N PHE F 180 -4.84 -7.12 -15.87
CA PHE F 180 -6.17 -7.65 -15.57
C PHE F 180 -6.12 -8.47 -14.27
N VAL F 181 -6.69 -7.91 -13.21
CA VAL F 181 -6.63 -8.51 -11.88
C VAL F 181 -7.65 -9.64 -11.71
N VAL F 182 -7.19 -10.78 -11.21
CA VAL F 182 -8.03 -11.91 -10.86
C VAL F 182 -7.83 -12.26 -9.39
N ASP F 183 -8.94 -12.43 -8.67
CA ASP F 183 -8.89 -12.88 -7.29
C ASP F 183 -8.60 -14.37 -7.28
N ALA F 184 -7.35 -14.71 -6.99
CA ALA F 184 -6.91 -16.11 -7.07
C ALA F 184 -7.13 -16.91 -5.78
N GLU F 185 -7.79 -16.29 -4.80
CA GLU F 185 -8.26 -17.01 -3.61
C GLU F 185 -9.40 -17.95 -4.01
N LEU F 186 -10.03 -17.65 -5.14
CA LEU F 186 -11.11 -18.45 -5.70
C LEU F 186 -10.53 -19.73 -6.32
N ASP F 187 -11.38 -20.74 -6.47
CA ASP F 187 -10.92 -22.00 -7.06
C ASP F 187 -10.54 -21.83 -8.54
N VAL F 188 -9.91 -22.86 -9.11
CA VAL F 188 -9.37 -22.77 -10.48
C VAL F 188 -10.45 -22.54 -11.54
N LYS F 189 -11.51 -23.35 -11.50
CA LYS F 189 -12.58 -23.24 -12.49
C LYS F 189 -13.09 -21.81 -12.63
N THR F 190 -13.28 -21.13 -11.51
CA THR F 190 -13.84 -19.78 -11.47
C THR F 190 -12.86 -18.73 -12.02
N GLN F 191 -11.57 -18.93 -11.77
CA GLN F 191 -10.53 -18.07 -12.37
C GLN F 191 -10.53 -18.20 -13.89
N ILE F 192 -10.52 -19.43 -14.39
CA ILE F 192 -10.49 -19.75 -15.82
C ILE F 192 -11.65 -19.11 -16.59
N GLU F 193 -12.86 -19.22 -16.03
CA GLU F 193 -14.06 -18.65 -16.65
C GLU F 193 -14.00 -17.13 -16.74
N LEU F 194 -13.47 -16.50 -15.69
CA LEU F 194 -13.26 -15.05 -15.68
C LEU F 194 -12.26 -14.65 -16.77
N ILE F 195 -11.12 -15.33 -16.79
CA ILE F 195 -10.08 -15.09 -17.80
C ILE F 195 -10.62 -15.25 -19.23
N MET F 196 -11.35 -16.33 -19.49
CA MET F 196 -11.83 -16.63 -20.84
C MET F 196 -12.88 -15.64 -21.35
N ASN F 197 -13.70 -15.12 -20.45
CA ASN F 197 -14.66 -14.06 -20.78
C ASN F 197 -13.97 -12.73 -21.10
N LYS F 198 -12.83 -12.49 -20.45
CA LYS F 198 -12.05 -11.27 -20.68
C LYS F 198 -11.28 -11.32 -22.00
N LEU F 199 -10.82 -12.53 -22.38
CA LEU F 199 -10.08 -12.74 -23.61
C LEU F 199 -11.00 -12.66 -24.82
N ASN F 200 -12.28 -12.90 -24.60
CA ASN F 200 -13.28 -12.78 -25.65
C ASN F 200 -13.74 -11.34 -25.87
N SER F 201 -12.82 -10.39 -25.66
CA SER F 201 -13.06 -8.96 -25.91
C SER F 201 -11.75 -8.17 -25.85
PG DTP G . -23.02 -45.78 6.93
O1G DTP G . -22.65 -47.08 6.22
O2G DTP G . -22.10 -45.40 8.06
O3G DTP G . -24.49 -45.60 7.27
PB DTP G . -21.74 -43.61 5.59
O1B DTP G . -20.47 -44.01 6.31
O2B DTP G . -21.69 -43.20 4.13
O3B DTP G . -22.87 -44.77 5.69
PA DTP G . -22.06 -41.99 7.84
O1A DTP G . -23.31 -41.55 8.55
O2A DTP G . -21.14 -43.00 8.47
O3A DTP G . -22.50 -42.45 6.38
O5' DTP G . -21.13 -40.74 7.42
C5' DTP G . -21.21 -39.53 8.15
C4' DTP G . -19.93 -39.29 8.93
O4' DTP G . -19.64 -37.91 8.75
C3' DTP G . -20.17 -39.45 10.42
O3' DTP G . -18.93 -39.67 11.08
C2' DTP G . -20.69 -38.11 10.90
C1' DTP G . -20.06 -37.16 9.90
N9 DTP G . -20.96 -36.05 9.50
C8 DTP G . -21.60 -35.94 8.32
N7 DTP G . -22.32 -34.78 8.29
C5 DTP G . -22.13 -34.15 9.47
C6 DTP G . -22.57 -32.90 10.11
N6 DTP G . -23.40 -32.05 9.46
N1 DTP G . -22.12 -32.62 11.36
C2 DTP G . -21.30 -33.46 12.02
N3 DTP G . -20.86 -34.62 11.50
C4 DTP G . -21.23 -35.00 10.25
MG MG H . -20.07 -44.74 8.31
MG MG I . -19.32 2.10 15.24
PG DTP J . -19.41 4.30 12.53
O1G DTP J . -19.77 5.65 13.13
O2G DTP J . -18.75 3.37 13.53
O3G DTP J . -18.74 4.37 11.18
PB DTP J . -21.45 2.27 12.73
O1B DTP J . -21.10 2.17 14.19
O2B DTP J . -22.86 2.23 12.24
O3B DTP J . -20.84 3.65 12.13
PA DTP J . -19.67 0.06 12.51
O1A DTP J . -18.76 -0.33 11.39
O2A DTP J . -19.08 0.52 13.82
O3A DTP J . -20.69 1.13 11.87
O5' DTP J . -20.72 -1.10 12.89
C5' DTP J . -20.31 -2.44 13.05
C4' DTP J . -20.01 -2.79 14.50
O4' DTP J . -20.26 -4.19 14.55
C3' DTP J . -18.53 -2.68 14.82
O3' DTP J . -18.32 -2.66 16.24
C2' DTP J . -17.90 -3.95 14.27
C1' DTP J . -19.05 -4.94 14.29
N9 DTP J . -19.20 -5.78 13.06
C8 DTP J . -19.98 -5.51 11.98
N7 DTP J . -19.87 -6.51 11.06
C5 DTP J . -19.02 -7.44 11.55
C6 DTP J . -18.46 -8.76 11.11
N6 DTP J . -18.78 -9.33 9.92
N1 DTP J . -17.61 -9.39 11.94
C2 DTP J . -17.25 -8.88 13.13
N3 DTP J . -17.71 -7.70 13.59
C4 DTP J . -18.58 -6.95 12.87
MG MG K . 18.11 16.42 2.07
PG DTP L . 16.96 15.82 -1.32
O1G DTP L . 18.31 15.97 -2.02
O2G DTP L . 17.07 15.51 0.17
O3G DTP L . 15.98 14.96 -2.10
PB DTP L . 16.49 18.42 -0.27
O1B DTP L . 17.46 17.96 0.79
O2B DTP L . 16.66 19.73 -0.97
O3B DTP L . 16.32 17.30 -1.42
PA DTP L . 14.70 17.64 1.74
O1A DTP L . 13.65 16.65 1.33
O2A DTP L . 15.97 17.15 2.42
O3A DTP L . 15.03 18.44 0.39
O5' DTP L . 14.10 18.80 2.68
C5' DTP L . 14.99 19.59 3.46
C4' DTP L . 14.71 19.44 4.95
O4' DTP L . 13.54 20.18 5.29
C3' DTP L . 14.45 18.02 5.41
O3' DTP L . 15.24 17.78 6.57
C2' DTP L . 12.99 17.96 5.83
C1' DTP L . 12.71 19.41 6.18
N9 DTP L . 11.29 19.82 6.02
C8 DTP L . 10.78 20.51 4.97
N7 DTP L . 9.45 20.74 5.14
C5 DTP L . 9.10 20.18 6.33
C6 DTP L . 7.86 20.06 7.14
N6 DTP L . 6.69 20.58 6.70
N1 DTP L . 7.94 19.41 8.32
C2 DTP L . 9.09 18.88 8.79
N3 DTP L . 10.24 18.95 8.10
C4 DTP L . 10.31 19.58 6.90
PG DTP M . -18.44 39.83 25.29
O1G DTP M . -19.94 39.85 25.49
O2G DTP M . -17.67 39.01 26.30
O3G DTP M . -17.82 41.17 24.99
PB DTP M . -18.04 37.58 23.53
O1B DTP M . -18.07 36.81 24.83
O2B DTP M . -18.89 37.16 22.36
O3B DTP M . -18.35 39.14 23.83
PA DTP M . -15.30 37.34 24.00
O1A DTP M . -14.11 38.12 23.51
O2A DTP M . -15.71 37.42 25.45
O3A DTP M . -16.52 37.69 23.03
O5' DTP M . -15.17 35.78 23.65
C5' DTP M . -13.96 35.14 23.22
C4' DTP M . -13.40 34.24 24.32
O4' DTP M . -12.34 33.46 23.78
C3' DTP M . -12.74 35.06 25.39
O3' DTP M . -12.64 34.27 26.58
C2' DTP M . -11.36 35.33 24.83
C1' DTP M . -11.07 34.10 24.00
N9 DTP M . -10.41 34.35 22.69
C8 DTP M . -11.01 34.72 21.54
N7 DTP M . -10.10 34.82 20.53
C5 DTP M . -8.90 34.49 21.04
C6 DTP M . -7.50 34.39 20.54
N6 DTP M . -7.19 34.65 19.25
N1 DTP M . -6.55 34.01 21.42
C2 DTP M . -6.82 33.73 22.71
N3 DTP M . -8.06 33.82 23.24
C4 DTP M . -9.11 34.18 22.47
MG MG N . -17.25 37.01 26.94
PG DTP O . 48.61 0.88 -17.03
O1G DTP O . 49.36 2.18 -17.18
O2G DTP O . 48.45 0.46 -15.58
O3G DTP O . 49.07 -0.22 -17.96
PB DTP O . 45.85 1.60 -16.72
O1B DTP O . 46.22 1.80 -15.26
O2B DTP O . 45.14 2.69 -17.49
O3B DTP O . 47.14 1.21 -17.61
PA DTP O . 45.13 -1.04 -15.93
O1A DTP O . 45.33 -2.18 -16.92
O2A DTP O . 46.16 -0.78 -14.86
O3A DTP O . 44.91 0.30 -16.83
O5' DTP O . 43.69 -1.28 -15.21
C5' DTP O . 43.25 -0.52 -14.08
C4' DTP O . 42.95 -1.40 -12.89
O4' DTP O . 41.63 -1.93 -13.00
C3' DTP O . 43.85 -2.61 -12.74
O3' DTP O . 44.16 -2.75 -11.35
C2' DTP O . 43.01 -3.81 -13.15
C1' DTP O . 41.60 -3.35 -12.82
N9 DTP O . 40.58 -3.97 -13.71
C8 DTP O . 40.10 -3.47 -14.87
N7 DTP O . 39.16 -4.27 -15.42
C5 DTP O . 39.03 -5.33 -14.58
C6 DTP O . 38.21 -6.57 -14.55
N6 DTP O . 37.32 -6.86 -15.53
N1 DTP O . 38.37 -7.41 -13.49
C2 DTP O . 39.24 -7.16 -12.50
N3 DTP O . 40.01 -6.05 -12.48
C4 DTP O . 39.96 -5.12 -13.46
MG MG P . 47.37 0.82 -13.69
PG DTP Q . 3.04 -20.91 -9.71
O1G DTP Q . 2.03 -22.02 -9.88
O2G DTP Q . 4.06 -21.16 -8.61
O3G DTP Q . 2.43 -19.54 -9.66
PB DTP Q . 5.42 -21.09 -11.41
O1B DTP Q . 6.02 -22.13 -10.50
O2B DTP Q . 5.54 -21.21 -12.91
O3B DTP Q . 3.81 -20.94 -11.14
PA DTP Q . 7.12 -19.49 -9.84
O1A DTP Q . 7.26 -18.01 -9.56
O2A DTP Q . 6.89 -20.44 -8.69
O3A DTP Q . 5.99 -19.65 -10.98
O5' DTP Q . 8.41 -20.03 -10.61
C5' DTP Q . 9.70 -19.45 -10.44
C4' DTP Q . 10.58 -20.20 -9.45
O4' DTP Q . 11.88 -19.74 -9.74
C3' DTP Q . 10.33 -19.78 -8.00
O3' DTP Q . 10.83 -20.77 -7.09
C2' DTP Q . 11.18 -18.54 -7.82
C1' DTP Q . 12.31 -18.77 -8.78
N9 DTP Q . 12.75 -17.51 -9.46
C8 DTP Q . 12.34 -17.07 -10.67
N7 DTP Q . 12.96 -15.90 -10.98
C5 DTP Q . 13.80 -15.60 -9.96
C6 DTP Q . 14.75 -14.51 -9.64
N6 DTP Q . 14.96 -13.47 -10.49
N1 DTP Q . 15.42 -14.60 -8.46
C2 DTP Q . 15.24 -15.61 -7.59
N3 DTP Q . 14.38 -16.62 -7.83
C4 DTP Q . 13.66 -16.67 -8.97
MG MG R . 5.88 -22.35 -8.39
#